data_1EIK
#
_entry.id   1EIK
#
_cell.length_a   1.000
_cell.length_b   1.000
_cell.length_c   1.000
_cell.angle_alpha   90.00
_cell.angle_beta   90.00
_cell.angle_gamma   90.00
#
_symmetry.space_group_name_H-M   'P 1'
#
_entity_poly.entity_id   1
_entity_poly.type   'polypeptide(L)'
_entity_poly.pdbx_seq_one_letter_code
;MKREILKHQLVPEHVILNESEAKRVLKELDAHPEQLPKIKTTDPVAKAIGAKRGDIVKIIRKSPTAEEFVTYRLVQD
;
_entity_poly.pdbx_strand_id   A
#
# COMPACT_ATOMS: atom_id res chain seq x y z
N MET A 1 -27.19 -9.15 -0.50
CA MET A 1 -25.89 -9.85 -0.36
C MET A 1 -25.48 -10.53 -1.66
N LYS A 2 -24.29 -11.12 -1.68
CA LYS A 2 -23.78 -11.80 -2.87
C LYS A 2 -23.76 -10.86 -4.07
N ARG A 3 -23.29 -9.63 -3.85
CA ARG A 3 -23.23 -8.65 -4.93
C ARG A 3 -21.87 -8.68 -5.61
N GLU A 4 -20.83 -8.28 -4.88
CA GLU A 4 -19.47 -8.26 -5.42
C GLU A 4 -18.49 -8.90 -4.44
N ILE A 5 -17.26 -9.12 -4.91
CA ILE A 5 -16.22 -9.72 -4.07
C ILE A 5 -14.86 -9.11 -4.37
N LEU A 6 -13.85 -9.53 -3.62
CA LEU A 6 -12.49 -9.02 -3.81
C LEU A 6 -11.49 -9.86 -3.02
N LYS A 7 -11.48 -11.16 -3.26
CA LYS A 7 -10.58 -12.07 -2.57
C LYS A 7 -10.87 -12.12 -1.08
N HIS A 8 -10.48 -11.06 -0.37
CA HIS A 8 -10.71 -10.97 1.07
C HIS A 8 -11.89 -10.06 1.37
N GLN A 9 -12.72 -10.48 2.33
CA GLN A 9 -13.89 -9.70 2.72
C GLN A 9 -13.47 -8.35 3.29
N LEU A 10 -12.62 -8.39 4.31
CA LEU A 10 -12.13 -7.17 4.95
C LEU A 10 -11.02 -6.53 4.12
N VAL A 11 -10.47 -5.43 4.64
CA VAL A 11 -9.40 -4.72 3.95
C VAL A 11 -8.31 -4.28 4.93
N PRO A 12 -7.07 -4.20 4.45
CA PRO A 12 -5.92 -3.80 5.28
C PRO A 12 -5.88 -2.29 5.51
N GLU A 13 -4.90 -1.83 6.27
CA GLU A 13 -4.74 -0.41 6.55
C GLU A 13 -3.83 0.24 5.51
N HIS A 14 -4.40 1.15 4.72
CA HIS A 14 -3.63 1.83 3.68
C HIS A 14 -3.17 3.20 4.18
N VAL A 15 -1.85 3.37 4.25
CA VAL A 15 -1.27 4.64 4.68
C VAL A 15 -0.49 5.28 3.54
N ILE A 16 -0.46 6.61 3.50
CA ILE A 16 0.27 7.33 2.47
C ILE A 16 1.66 7.71 2.96
N LEU A 17 2.67 7.29 2.20
CA LEU A 17 4.06 7.56 2.54
C LEU A 17 4.66 8.62 1.64
N ASN A 18 5.61 9.36 2.16
CA ASN A 18 6.36 10.32 1.37
C ASN A 18 7.45 9.58 0.61
N GLU A 19 7.73 10.01 -0.61
CA GLU A 19 8.73 9.34 -1.44
C GLU A 19 9.99 9.04 -0.63
N SER A 20 10.30 9.90 0.34
CA SER A 20 11.46 9.70 1.20
C SER A 20 11.19 8.62 2.24
N GLU A 21 10.07 8.76 2.94
CA GLU A 21 9.68 7.78 3.96
C GLU A 21 9.46 6.42 3.35
N ALA A 22 8.79 6.39 2.21
CA ALA A 22 8.51 5.14 1.53
C ALA A 22 9.80 4.54 0.98
N LYS A 23 10.76 5.40 0.68
CA LYS A 23 12.04 4.95 0.14
C LYS A 23 12.79 4.09 1.15
N ARG A 24 12.96 4.61 2.37
CA ARG A 24 13.65 3.86 3.40
C ARG A 24 12.91 2.59 3.72
N VAL A 25 11.60 2.69 3.86
CA VAL A 25 10.78 1.56 4.23
C VAL A 25 10.91 0.44 3.19
N LEU A 26 10.71 0.79 1.93
CA LEU A 26 10.82 -0.17 0.85
C LEU A 26 12.15 -0.91 0.93
N LYS A 27 13.23 -0.15 1.01
CA LYS A 27 14.56 -0.72 1.09
C LYS A 27 14.79 -1.36 2.44
N GLU A 28 14.16 -0.80 3.47
CA GLU A 28 14.20 -1.35 4.81
C GLU A 28 13.59 -2.75 4.78
N LEU A 29 12.56 -2.87 3.94
CA LEU A 29 11.86 -4.13 3.74
C LEU A 29 12.67 -5.08 2.85
N ASP A 30 13.76 -4.57 2.27
CA ASP A 30 14.63 -5.33 1.37
C ASP A 30 14.12 -5.27 -0.07
N ALA A 31 13.81 -4.05 -0.53
CA ALA A 31 13.33 -3.86 -1.89
C ALA A 31 13.22 -2.37 -2.23
N HIS A 32 13.02 -2.09 -3.50
CA HIS A 32 12.86 -0.71 -3.97
C HIS A 32 11.53 -0.58 -4.71
N PRO A 33 10.98 0.63 -4.79
CA PRO A 33 9.70 0.86 -5.43
C PRO A 33 9.70 0.41 -6.88
N GLU A 34 10.86 0.53 -7.53
CA GLU A 34 10.99 0.08 -8.92
C GLU A 34 10.63 -1.39 -9.01
N GLN A 35 11.00 -2.15 -7.98
CA GLN A 35 10.71 -3.57 -7.91
C GLN A 35 9.24 -3.79 -7.60
N LEU A 36 8.82 -3.26 -6.45
CA LEU A 36 7.44 -3.37 -6.00
C LEU A 36 6.47 -2.98 -7.12
N PRO A 37 5.18 -3.30 -6.96
CA PRO A 37 4.15 -2.97 -7.96
C PRO A 37 3.67 -1.53 -7.85
N LYS A 38 3.49 -0.88 -9.00
CA LYS A 38 3.02 0.50 -9.04
C LYS A 38 1.72 0.60 -9.81
N ILE A 39 0.70 1.20 -9.18
CA ILE A 39 -0.58 1.37 -9.84
C ILE A 39 -0.73 2.79 -10.38
N LYS A 40 -1.20 2.88 -11.62
CA LYS A 40 -1.33 4.17 -12.28
C LYS A 40 -2.30 5.08 -11.56
N THR A 41 -2.06 6.38 -11.65
CA THR A 41 -2.94 7.37 -11.03
C THR A 41 -4.33 7.31 -11.66
N THR A 42 -4.43 6.74 -12.85
CA THR A 42 -5.71 6.56 -13.51
C THR A 42 -6.46 5.41 -12.84
N ASP A 43 -5.70 4.45 -12.32
CA ASP A 43 -6.24 3.32 -11.60
C ASP A 43 -6.77 3.75 -10.23
N PRO A 44 -7.73 3.00 -9.67
CA PRO A 44 -8.34 3.30 -8.38
C PRO A 44 -7.31 3.59 -7.30
N VAL A 45 -6.06 3.19 -7.52
CA VAL A 45 -5.01 3.41 -6.54
C VAL A 45 -4.98 4.87 -6.12
N ALA A 46 -5.06 5.77 -7.09
CA ALA A 46 -5.06 7.19 -6.82
C ALA A 46 -6.37 7.62 -6.16
N LYS A 47 -7.48 7.20 -6.77
CA LYS A 47 -8.80 7.49 -6.21
C LYS A 47 -8.85 7.09 -4.75
N ALA A 48 -8.12 6.03 -4.42
CA ALA A 48 -8.01 5.56 -3.06
C ALA A 48 -6.99 6.39 -2.30
N ILE A 49 -7.27 6.65 -1.03
CA ILE A 49 -6.40 7.47 -0.20
C ILE A 49 -5.95 8.73 -0.92
N GLY A 50 -6.75 9.19 -1.89
CA GLY A 50 -6.43 10.40 -2.64
C GLY A 50 -4.95 10.52 -2.98
N ALA A 51 -4.33 9.39 -3.32
CA ALA A 51 -2.91 9.39 -3.66
C ALA A 51 -2.65 10.22 -4.91
N LYS A 52 -1.43 10.72 -5.02
CA LYS A 52 -1.03 11.52 -6.17
C LYS A 52 0.19 10.90 -6.85
N ARG A 53 0.42 11.31 -8.09
CA ARG A 53 1.54 10.79 -8.86
C ARG A 53 2.86 10.98 -8.11
N GLY A 54 3.33 9.90 -7.49
CA GLY A 54 4.58 9.97 -6.75
C GLY A 54 4.40 9.68 -5.27
N ASP A 55 3.28 9.07 -4.91
CA ASP A 55 2.99 8.74 -3.52
C ASP A 55 2.92 7.23 -3.31
N ILE A 56 3.66 6.73 -2.33
CA ILE A 56 3.65 5.31 -2.02
C ILE A 56 2.68 5.02 -0.87
N VAL A 57 1.99 3.90 -0.97
CA VAL A 57 1.02 3.51 0.05
C VAL A 57 1.53 2.35 0.89
N LYS A 58 1.24 2.41 2.18
CA LYS A 58 1.67 1.36 3.10
C LYS A 58 0.47 0.50 3.51
N ILE A 59 0.50 -0.77 3.11
CA ILE A 59 -0.57 -1.72 3.43
C ILE A 59 -0.06 -2.84 4.30
N ILE A 60 -0.71 -3.06 5.45
CA ILE A 60 -0.30 -4.12 6.36
C ILE A 60 -1.36 -5.22 6.42
N ARG A 61 -0.92 -6.47 6.38
CA ARG A 61 -1.83 -7.60 6.43
C ARG A 61 -1.63 -8.36 7.75
N LYS A 62 -2.71 -8.51 8.50
CA LYS A 62 -2.64 -9.20 9.79
C LYS A 62 -3.00 -10.68 9.64
N SER A 63 -2.15 -11.54 10.18
CA SER A 63 -2.37 -12.98 10.10
C SER A 63 -2.20 -13.64 11.46
N PRO A 64 -2.67 -14.88 11.60
CA PRO A 64 -2.57 -15.66 12.85
C PRO A 64 -1.11 -15.86 13.28
N THR A 65 -0.86 -15.71 14.57
CA THR A 65 0.48 -15.86 15.15
C THR A 65 1.30 -14.58 14.94
N ALA A 66 0.68 -13.44 15.21
CA ALA A 66 1.34 -12.15 15.08
C ALA A 66 2.11 -12.05 13.76
N GLU A 67 1.48 -12.45 12.66
CA GLU A 67 2.11 -12.41 11.35
C GLU A 67 1.61 -11.19 10.56
N GLU A 68 2.45 -10.18 10.46
CA GLU A 68 2.09 -8.97 9.73
C GLU A 68 2.81 -8.91 8.38
N PHE A 69 2.03 -8.73 7.31
CA PHE A 69 2.59 -8.65 5.97
C PHE A 69 2.39 -7.26 5.39
N VAL A 70 3.50 -6.59 5.08
CA VAL A 70 3.43 -5.24 4.54
C VAL A 70 3.87 -5.19 3.08
N THR A 71 3.14 -4.41 2.28
CA THR A 71 3.44 -4.25 0.86
C THR A 71 3.25 -2.81 0.44
N TYR A 72 4.28 -2.22 -0.17
CA TYR A 72 4.21 -0.82 -0.60
C TYR A 72 3.90 -0.71 -2.09
N ARG A 73 3.06 0.26 -2.42
CA ARG A 73 2.69 0.52 -3.80
C ARG A 73 2.91 1.99 -4.13
N LEU A 74 3.62 2.24 -5.23
CA LEU A 74 3.94 3.60 -5.64
C LEU A 74 2.98 4.12 -6.70
N VAL A 75 2.38 5.27 -6.46
CA VAL A 75 1.51 5.88 -7.45
C VAL A 75 2.35 6.52 -8.54
N GLN A 76 2.22 6.01 -9.76
CA GLN A 76 3.00 6.50 -10.89
C GLN A 76 2.09 6.86 -12.06
N ASP A 77 2.54 7.80 -12.89
CA ASP A 77 1.76 8.22 -14.04
C ASP A 77 2.03 7.33 -15.25
N MET A 1 -31.98 3.25 7.45
CA MET A 1 -31.45 4.54 6.95
C MET A 1 -29.96 4.69 7.28
N LYS A 2 -29.54 4.03 8.36
CA LYS A 2 -28.15 4.09 8.78
C LYS A 2 -27.32 2.99 8.10
N ARG A 3 -26.44 3.40 7.20
CA ARG A 3 -25.60 2.46 6.48
C ARG A 3 -24.12 2.76 6.70
N GLU A 4 -23.35 1.74 7.04
CA GLU A 4 -21.92 1.90 7.29
C GLU A 4 -21.10 1.46 6.08
N ILE A 5 -19.81 1.23 6.32
CA ILE A 5 -18.92 0.78 5.26
C ILE A 5 -18.86 -0.74 5.19
N LEU A 6 -19.30 -1.41 6.25
CA LEU A 6 -19.29 -2.86 6.30
C LEU A 6 -20.35 -3.44 5.37
N LYS A 7 -19.90 -4.05 4.28
CA LYS A 7 -20.81 -4.65 3.30
C LYS A 7 -20.03 -5.33 2.19
N HIS A 8 -18.91 -5.94 2.53
CA HIS A 8 -18.06 -6.63 1.56
C HIS A 8 -16.91 -7.33 2.24
N GLN A 9 -15.91 -7.73 1.46
CA GLN A 9 -14.73 -8.41 2.00
C GLN A 9 -13.83 -7.43 2.74
N LEU A 10 -13.36 -7.84 3.91
CA LEU A 10 -12.49 -7.00 4.73
C LEU A 10 -11.33 -6.46 3.90
N VAL A 11 -10.71 -5.39 4.39
CA VAL A 11 -9.59 -4.77 3.69
C VAL A 11 -8.52 -4.30 4.69
N PRO A 12 -7.25 -4.27 4.26
CA PRO A 12 -6.14 -3.85 5.11
C PRO A 12 -6.11 -2.34 5.31
N GLU A 13 -5.14 -1.88 6.10
CA GLU A 13 -4.99 -0.45 6.37
C GLU A 13 -4.08 0.20 5.34
N HIS A 14 -4.61 1.18 4.62
CA HIS A 14 -3.84 1.87 3.59
C HIS A 14 -3.37 3.24 4.09
N VAL A 15 -2.05 3.40 4.16
CA VAL A 15 -1.45 4.66 4.59
C VAL A 15 -0.66 5.27 3.46
N ILE A 16 -0.61 6.60 3.40
CA ILE A 16 0.14 7.29 2.35
C ILE A 16 1.49 7.77 2.87
N LEU A 17 2.54 7.26 2.25
CA LEU A 17 3.90 7.61 2.63
C LEU A 17 4.53 8.56 1.62
N ASN A 18 5.43 9.40 2.10
CA ASN A 18 6.17 10.29 1.23
C ASN A 18 7.30 9.50 0.58
N GLU A 19 7.61 9.81 -0.67
CA GLU A 19 8.64 9.09 -1.40
C GLU A 19 9.90 8.92 -0.55
N SER A 20 10.14 9.87 0.35
CA SER A 20 11.31 9.81 1.23
C SER A 20 11.11 8.75 2.31
N GLU A 21 10.01 8.88 3.05
CA GLU A 21 9.70 7.93 4.11
C GLU A 21 9.57 6.52 3.54
N ALA A 22 8.76 6.40 2.50
CA ALA A 22 8.54 5.12 1.86
C ALA A 22 9.83 4.61 1.24
N LYS A 23 10.70 5.53 0.85
CA LYS A 23 11.97 5.16 0.26
C LYS A 23 12.76 4.27 1.19
N ARG A 24 12.98 4.72 2.43
CA ARG A 24 13.70 3.90 3.39
C ARG A 24 12.94 2.63 3.68
N VAL A 25 11.63 2.77 3.88
CA VAL A 25 10.80 1.63 4.21
C VAL A 25 10.94 0.54 3.16
N LEU A 26 10.70 0.90 1.91
CA LEU A 26 10.80 -0.05 0.82
C LEU A 26 12.14 -0.77 0.85
N LYS A 27 13.22 0.00 0.90
CA LYS A 27 14.57 -0.57 0.96
C LYS A 27 14.78 -1.28 2.29
N GLU A 28 14.16 -0.74 3.33
CA GLU A 28 14.23 -1.30 4.67
C GLU A 28 13.57 -2.68 4.70
N LEU A 29 12.47 -2.78 3.97
CA LEU A 29 11.73 -4.03 3.86
C LEU A 29 12.47 -5.05 3.01
N ASP A 30 13.58 -4.62 2.39
CA ASP A 30 14.39 -5.49 1.52
C ASP A 30 13.82 -5.49 0.11
N ALA A 31 13.48 -4.31 -0.40
CA ALA A 31 12.95 -4.16 -1.75
C ALA A 31 12.97 -2.70 -2.18
N HIS A 32 12.72 -2.47 -3.47
CA HIS A 32 12.69 -1.13 -4.00
C HIS A 32 11.42 -0.91 -4.82
N PRO A 33 10.94 0.33 -4.89
CA PRO A 33 9.72 0.65 -5.62
C PRO A 33 9.73 0.09 -7.05
N GLU A 34 10.90 0.13 -7.68
CA GLU A 34 11.05 -0.41 -9.02
C GLU A 34 10.64 -1.88 -9.04
N GLN A 35 11.03 -2.59 -7.99
CA GLN A 35 10.73 -4.01 -7.86
C GLN A 35 9.30 -4.21 -7.38
N LEU A 36 8.84 -3.27 -6.56
CA LEU A 36 7.47 -3.32 -6.05
C LEU A 36 6.49 -2.88 -7.12
N PRO A 37 5.22 -3.31 -7.01
CA PRO A 37 4.19 -2.96 -7.98
C PRO A 37 3.91 -1.46 -8.01
N LYS A 38 3.60 -0.95 -9.18
CA LYS A 38 3.25 0.46 -9.33
C LYS A 38 1.85 0.57 -9.91
N ILE A 39 0.98 1.26 -9.20
CA ILE A 39 -0.39 1.43 -9.63
C ILE A 39 -0.63 2.85 -10.14
N LYS A 40 -0.95 2.93 -11.42
CA LYS A 40 -1.14 4.21 -12.10
C LYS A 40 -2.18 5.07 -11.40
N THR A 41 -2.00 6.38 -11.49
CA THR A 41 -2.94 7.31 -10.88
C THR A 41 -4.32 7.19 -11.54
N THR A 42 -4.36 6.63 -12.75
CA THR A 42 -5.62 6.40 -13.43
C THR A 42 -6.39 5.30 -12.74
N ASP A 43 -5.65 4.35 -12.17
CA ASP A 43 -6.24 3.25 -11.42
C ASP A 43 -6.78 3.75 -10.09
N PRO A 44 -7.79 3.07 -9.55
CA PRO A 44 -8.43 3.46 -8.28
C PRO A 44 -7.41 3.73 -7.18
N VAL A 45 -6.18 3.25 -7.38
CA VAL A 45 -5.13 3.45 -6.41
C VAL A 45 -5.02 4.93 -6.02
N ALA A 46 -5.04 5.79 -7.03
CA ALA A 46 -4.99 7.22 -6.80
C ALA A 46 -6.31 7.72 -6.24
N LYS A 47 -7.41 7.32 -6.88
CA LYS A 47 -8.73 7.71 -6.42
C LYS A 47 -8.89 7.38 -4.94
N ALA A 48 -8.23 6.30 -4.52
CA ALA A 48 -8.24 5.90 -3.12
C ALA A 48 -7.25 6.74 -2.33
N ILE A 49 -7.62 7.10 -1.11
CA ILE A 49 -6.77 7.91 -0.24
C ILE A 49 -6.16 9.09 -0.99
N GLY A 50 -6.83 9.53 -2.05
CA GLY A 50 -6.33 10.67 -2.83
C GLY A 50 -4.84 10.64 -3.06
N ALA A 51 -4.32 9.50 -3.49
CA ALA A 51 -2.89 9.36 -3.75
C ALA A 51 -2.49 10.09 -5.02
N LYS A 52 -1.47 10.95 -4.90
CA LYS A 52 -0.99 11.73 -6.02
C LYS A 52 0.18 11.03 -6.70
N ARG A 53 0.47 11.44 -7.92
CA ARG A 53 1.57 10.87 -8.69
C ARG A 53 2.88 11.01 -7.93
N GLY A 54 3.40 9.87 -7.46
CA GLY A 54 4.65 9.89 -6.71
C GLY A 54 4.45 9.59 -5.24
N ASP A 55 3.28 9.06 -4.88
CA ASP A 55 2.98 8.74 -3.50
C ASP A 55 2.92 7.24 -3.28
N ILE A 56 3.68 6.76 -2.30
CA ILE A 56 3.69 5.33 -1.98
C ILE A 56 2.73 5.04 -0.84
N VAL A 57 2.02 3.93 -0.95
CA VAL A 57 1.03 3.56 0.06
C VAL A 57 1.52 2.40 0.91
N LYS A 58 1.22 2.47 2.20
CA LYS A 58 1.63 1.43 3.13
C LYS A 58 0.44 0.55 3.48
N ILE A 59 0.52 -0.72 3.11
CA ILE A 59 -0.53 -1.68 3.40
C ILE A 59 0.00 -2.77 4.32
N ILE A 60 -0.77 -3.14 5.33
CA ILE A 60 -0.36 -4.17 6.27
C ILE A 60 -1.36 -5.30 6.33
N ARG A 61 -0.86 -6.53 6.24
CA ARG A 61 -1.71 -7.71 6.29
C ARG A 61 -1.52 -8.43 7.62
N LYS A 62 -2.61 -8.62 8.35
CA LYS A 62 -2.55 -9.26 9.65
C LYS A 62 -2.84 -10.76 9.56
N SER A 63 -1.88 -11.56 10.02
CA SER A 63 -2.02 -13.01 9.98
C SER A 63 -1.95 -13.59 11.40
N PRO A 64 -2.47 -14.81 11.59
CA PRO A 64 -2.45 -15.49 12.89
C PRO A 64 -1.04 -15.81 13.38
N THR A 65 -0.81 -15.57 14.68
CA THR A 65 0.50 -15.82 15.30
C THR A 65 1.46 -14.66 15.06
N ALA A 66 1.01 -13.46 15.41
CA ALA A 66 1.83 -12.25 15.25
C ALA A 66 2.54 -12.23 13.91
N GLU A 67 1.78 -12.39 12.83
CA GLU A 67 2.34 -12.38 11.48
C GLU A 67 1.77 -11.24 10.66
N GLU A 68 2.60 -10.20 10.44
CA GLU A 68 2.17 -9.04 9.67
C GLU A 68 2.91 -8.97 8.34
N PHE A 69 2.16 -8.83 7.25
CA PHE A 69 2.73 -8.73 5.92
C PHE A 69 2.45 -7.37 5.30
N VAL A 70 3.49 -6.60 5.03
CA VAL A 70 3.33 -5.26 4.47
C VAL A 70 3.82 -5.18 3.03
N THR A 71 3.06 -4.47 2.20
CA THR A 71 3.41 -4.29 0.80
C THR A 71 3.20 -2.82 0.37
N TYR A 72 4.23 -2.23 -0.24
CA TYR A 72 4.15 -0.83 -0.67
C TYR A 72 3.93 -0.72 -2.18
N ARG A 73 3.22 0.33 -2.57
CA ARG A 73 2.96 0.60 -3.98
C ARG A 73 3.12 2.09 -4.26
N LEU A 74 3.89 2.43 -5.28
CA LEU A 74 4.16 3.82 -5.63
C LEU A 74 3.23 4.30 -6.73
N VAL A 75 2.48 5.36 -6.45
CA VAL A 75 1.55 5.93 -7.42
C VAL A 75 2.30 6.59 -8.57
N GLN A 76 2.11 6.04 -9.77
CA GLN A 76 2.77 6.54 -10.97
C GLN A 76 1.77 7.10 -11.96
N ASP A 77 2.22 8.01 -12.82
CA ASP A 77 1.34 8.61 -13.82
C ASP A 77 0.83 7.56 -14.80
N MET A 1 -26.14 -10.24 20.56
CA MET A 1 -26.36 -9.30 21.69
C MET A 1 -25.05 -8.62 22.10
N LYS A 2 -24.14 -9.38 22.68
CA LYS A 2 -22.85 -8.86 23.12
C LYS A 2 -21.75 -9.22 22.13
N ARG A 3 -21.83 -8.64 20.93
CA ARG A 3 -20.83 -8.90 19.89
C ARG A 3 -19.46 -8.41 20.31
N GLU A 4 -19.44 -7.37 21.15
CA GLU A 4 -18.19 -6.79 21.63
C GLU A 4 -17.40 -6.18 20.48
N ILE A 5 -16.11 -5.95 20.70
CA ILE A 5 -15.24 -5.38 19.69
C ILE A 5 -14.95 -6.39 18.60
N LEU A 6 -13.93 -7.21 18.81
CA LEU A 6 -13.55 -8.24 17.85
C LEU A 6 -13.32 -7.64 16.47
N LYS A 7 -12.06 -7.54 16.07
CA LYS A 7 -11.70 -6.99 14.77
C LYS A 7 -12.18 -5.55 14.63
N HIS A 8 -11.61 -4.84 13.65
CA HIS A 8 -11.98 -3.45 13.40
C HIS A 8 -12.61 -3.30 12.03
N GLN A 9 -11.93 -3.81 11.02
CA GLN A 9 -12.42 -3.74 9.64
C GLN A 9 -12.04 -4.99 8.85
N LEU A 10 -12.40 -5.01 7.58
CA LEU A 10 -12.09 -6.14 6.71
C LEU A 10 -10.90 -5.83 5.81
N VAL A 11 -11.07 -4.83 4.95
CA VAL A 11 -10.02 -4.43 4.03
C VAL A 11 -8.79 -3.90 4.77
N PRO A 12 -7.60 -4.03 4.15
CA PRO A 12 -6.34 -3.57 4.74
C PRO A 12 -6.42 -2.19 5.37
N GLU A 13 -5.28 -1.74 5.87
CA GLU A 13 -5.17 -0.40 6.40
C GLU A 13 -4.18 0.40 5.56
N HIS A 14 -4.71 1.20 4.64
CA HIS A 14 -3.88 1.95 3.72
C HIS A 14 -3.35 3.24 4.34
N VAL A 15 -2.08 3.51 4.09
CA VAL A 15 -1.42 4.72 4.58
C VAL A 15 -0.61 5.33 3.45
N ILE A 16 -0.47 6.65 3.43
CA ILE A 16 0.27 7.30 2.35
C ILE A 16 1.67 7.71 2.80
N LEU A 17 2.68 7.05 2.24
CA LEU A 17 4.06 7.36 2.52
C LEU A 17 4.52 8.62 1.80
N ASN A 18 5.48 9.30 2.40
CA ASN A 18 6.17 10.36 1.70
C ASN A 18 7.29 9.70 0.90
N GLU A 19 7.51 10.14 -0.33
CA GLU A 19 8.50 9.49 -1.19
C GLU A 19 9.80 9.18 -0.43
N SER A 20 10.18 10.07 0.48
CA SER A 20 11.35 9.82 1.29
C SER A 20 11.06 8.75 2.35
N GLU A 21 9.88 8.88 2.97
CA GLU A 21 9.45 7.92 3.98
C GLU A 21 9.27 6.54 3.38
N ALA A 22 8.55 6.47 2.27
CA ALA A 22 8.30 5.20 1.62
C ALA A 22 9.59 4.59 1.11
N LYS A 23 10.52 5.46 0.73
CA LYS A 23 11.79 5.02 0.18
C LYS A 23 12.56 4.15 1.18
N ARG A 24 12.73 4.63 2.41
CA ARG A 24 13.43 3.85 3.41
C ARG A 24 12.65 2.59 3.73
N VAL A 25 11.34 2.73 3.86
CA VAL A 25 10.49 1.60 4.20
C VAL A 25 10.64 0.48 3.17
N LEU A 26 10.44 0.83 1.91
CA LEU A 26 10.55 -0.13 0.82
C LEU A 26 11.87 -0.90 0.91
N LYS A 27 12.97 -0.16 1.07
CA LYS A 27 14.28 -0.77 1.19
C LYS A 27 14.41 -1.46 2.55
N GLU A 28 13.87 -0.80 3.56
CA GLU A 28 13.87 -1.35 4.92
C GLU A 28 13.21 -2.72 4.92
N LEU A 29 12.12 -2.83 4.16
CA LEU A 29 11.39 -4.07 4.02
C LEU A 29 12.17 -5.10 3.20
N ASP A 30 13.29 -4.67 2.61
CA ASP A 30 14.11 -5.54 1.77
C ASP A 30 13.56 -5.61 0.35
N ALA A 31 13.24 -4.44 -0.21
CA ALA A 31 12.71 -4.35 -1.56
C ALA A 31 12.77 -2.93 -2.09
N HIS A 32 12.66 -2.79 -3.40
CA HIS A 32 12.68 -1.48 -4.04
C HIS A 32 11.40 -1.23 -4.80
N PRO A 33 10.99 0.03 -4.93
CA PRO A 33 9.77 0.40 -5.64
C PRO A 33 9.73 -0.18 -7.06
N GLU A 34 10.92 -0.48 -7.59
CA GLU A 34 11.03 -1.07 -8.91
C GLU A 34 10.54 -2.51 -8.90
N GLN A 35 10.66 -3.15 -7.73
CA GLN A 35 10.21 -4.52 -7.56
C GLN A 35 8.76 -4.57 -7.11
N LEU A 36 8.39 -3.60 -6.28
CA LEU A 36 7.02 -3.51 -5.78
C LEU A 36 6.07 -3.12 -6.90
N PRO A 37 4.81 -3.59 -6.83
CA PRO A 37 3.80 -3.26 -7.84
C PRO A 37 3.56 -1.76 -7.93
N LYS A 38 3.32 -1.28 -9.14
CA LYS A 38 3.09 0.15 -9.35
C LYS A 38 1.71 0.39 -9.96
N ILE A 39 0.92 1.22 -9.28
CA ILE A 39 -0.40 1.56 -9.77
C ILE A 39 -0.46 3.01 -10.20
N LYS A 40 -0.94 3.23 -11.42
CA LYS A 40 -0.96 4.56 -12.00
C LYS A 40 -2.07 5.42 -11.42
N THR A 41 -1.87 6.73 -11.48
CA THR A 41 -2.85 7.68 -10.98
C THR A 41 -4.18 7.54 -11.73
N THR A 42 -4.10 7.01 -12.95
CA THR A 42 -5.30 6.75 -13.73
C THR A 42 -6.08 5.62 -13.08
N ASP A 43 -5.34 4.69 -12.47
CA ASP A 43 -5.93 3.56 -11.76
C ASP A 43 -6.54 4.03 -10.44
N PRO A 44 -7.52 3.29 -9.93
CA PRO A 44 -8.21 3.62 -8.68
C PRO A 44 -7.25 3.92 -7.54
N VAL A 45 -6.00 3.50 -7.68
CA VAL A 45 -4.99 3.73 -6.64
C VAL A 45 -4.96 5.20 -6.24
N ALA A 46 -4.96 6.08 -7.23
CA ALA A 46 -4.95 7.51 -6.97
C ALA A 46 -6.27 7.95 -6.36
N LYS A 47 -7.37 7.52 -6.98
CA LYS A 47 -8.70 7.83 -6.46
C LYS A 47 -8.80 7.38 -5.02
N ALA A 48 -8.12 6.29 -4.70
CA ALA A 48 -8.08 5.77 -3.35
C ALA A 48 -7.05 6.54 -2.53
N ILE A 49 -7.36 6.76 -1.26
CA ILE A 49 -6.48 7.52 -0.37
C ILE A 49 -5.98 8.79 -1.03
N GLY A 50 -6.74 9.31 -1.99
CA GLY A 50 -6.37 10.54 -2.68
C GLY A 50 -4.89 10.63 -2.99
N ALA A 51 -4.30 9.51 -3.42
CA ALA A 51 -2.87 9.49 -3.75
C ALA A 51 -2.58 10.36 -4.95
N LYS A 52 -1.34 10.82 -5.04
CA LYS A 52 -0.90 11.64 -6.16
C LYS A 52 0.32 11.04 -6.84
N ARG A 53 0.57 11.49 -8.06
CA ARG A 53 1.72 10.99 -8.82
C ARG A 53 3.02 11.16 -8.03
N GLY A 54 3.47 10.07 -7.44
CA GLY A 54 4.69 10.11 -6.64
C GLY A 54 4.43 9.82 -5.18
N ASP A 55 3.29 9.20 -4.89
CA ASP A 55 2.93 8.87 -3.51
C ASP A 55 2.84 7.36 -3.33
N ILE A 56 3.57 6.84 -2.34
CA ILE A 56 3.55 5.41 -2.05
C ILE A 56 2.57 5.11 -0.93
N VAL A 57 1.87 3.99 -1.05
CA VAL A 57 0.88 3.59 -0.04
C VAL A 57 1.38 2.44 0.82
N LYS A 58 1.04 2.50 2.11
CA LYS A 58 1.45 1.48 3.06
C LYS A 58 0.26 0.59 3.46
N ILE A 59 0.36 -0.69 3.11
CA ILE A 59 -0.66 -1.67 3.49
C ILE A 59 -0.07 -2.72 4.41
N ILE A 60 -0.82 -3.10 5.44
CA ILE A 60 -0.33 -4.11 6.38
C ILE A 60 -1.29 -5.29 6.49
N ARG A 61 -0.74 -6.49 6.34
CA ARG A 61 -1.51 -7.71 6.47
C ARG A 61 -1.12 -8.40 7.77
N LYS A 62 -2.12 -8.89 8.51
CA LYS A 62 -1.84 -9.53 9.79
C LYS A 62 -2.34 -10.96 9.82
N SER A 63 -1.41 -11.89 10.04
CA SER A 63 -1.73 -13.31 10.08
C SER A 63 -1.45 -13.91 11.46
N PRO A 64 -1.79 -15.19 11.66
CA PRO A 64 -1.58 -15.89 12.93
C PRO A 64 -0.11 -15.93 13.35
N THR A 65 0.13 -15.70 14.64
CA THR A 65 1.48 -15.72 15.21
C THR A 65 2.20 -14.39 14.97
N ALA A 66 1.49 -13.30 15.21
CA ALA A 66 2.06 -11.96 15.04
C ALA A 66 2.84 -11.83 13.74
N GLU A 67 2.46 -12.63 12.75
CA GLU A 67 3.11 -12.58 11.45
C GLU A 67 2.34 -11.68 10.49
N GLU A 68 2.85 -10.47 10.28
CA GLU A 68 2.19 -9.51 9.42
C GLU A 68 2.96 -9.30 8.12
N PHE A 69 2.25 -8.96 7.06
CA PHE A 69 2.87 -8.72 5.78
C PHE A 69 2.49 -7.35 5.22
N VAL A 70 3.49 -6.52 4.99
CA VAL A 70 3.25 -5.17 4.46
C VAL A 70 3.72 -5.05 3.01
N THR A 71 2.91 -4.39 2.19
CA THR A 71 3.23 -4.19 0.78
C THR A 71 3.01 -2.74 0.38
N TYR A 72 4.01 -2.14 -0.27
CA TYR A 72 3.92 -0.75 -0.68
C TYR A 72 3.67 -0.62 -2.18
N ARG A 73 2.87 0.38 -2.55
CA ARG A 73 2.57 0.67 -3.94
C ARG A 73 2.87 2.13 -4.23
N LEU A 74 3.64 2.40 -5.28
CA LEU A 74 4.01 3.76 -5.63
C LEU A 74 3.17 4.30 -6.77
N VAL A 75 2.46 5.40 -6.54
CA VAL A 75 1.63 6.02 -7.56
C VAL A 75 2.52 6.70 -8.60
N GLN A 76 2.45 6.21 -9.83
CA GLN A 76 3.28 6.76 -10.91
C GLN A 76 2.43 7.13 -12.12
N ASP A 77 2.92 8.07 -12.93
CA ASP A 77 2.22 8.49 -14.13
C ASP A 77 2.39 7.47 -15.25
N MET A 1 -31.20 -15.30 0.63
CA MET A 1 -30.06 -15.60 1.53
C MET A 1 -29.58 -14.34 2.25
N LYS A 2 -28.46 -14.46 2.96
CA LYS A 2 -27.89 -13.33 3.69
C LYS A 2 -26.57 -12.89 3.05
N ARG A 3 -25.55 -13.72 3.20
CA ARG A 3 -24.23 -13.43 2.65
C ARG A 3 -23.72 -12.08 3.15
N GLU A 4 -23.32 -12.04 4.42
CA GLU A 4 -22.81 -10.82 5.02
C GLU A 4 -21.40 -10.51 4.51
N ILE A 5 -20.91 -9.31 4.81
CA ILE A 5 -19.58 -8.90 4.38
C ILE A 5 -18.83 -8.22 5.52
N LEU A 6 -18.25 -9.04 6.40
CA LEU A 6 -17.49 -8.52 7.53
C LEU A 6 -16.16 -9.27 7.68
N LYS A 7 -15.14 -8.54 8.11
CA LYS A 7 -13.81 -9.13 8.28
C LYS A 7 -12.86 -8.10 8.89
N HIS A 8 -11.56 -8.32 8.71
CA HIS A 8 -10.55 -7.41 9.25
C HIS A 8 -10.68 -6.03 8.61
N GLN A 9 -11.66 -5.26 9.07
CA GLN A 9 -11.89 -3.93 8.55
C GLN A 9 -12.00 -3.94 7.03
N LEU A 10 -12.56 -5.01 6.49
CA LEU A 10 -12.72 -5.15 5.04
C LEU A 10 -11.37 -5.07 4.34
N VAL A 11 -10.91 -3.85 4.08
CA VAL A 11 -9.63 -3.64 3.42
C VAL A 11 -8.53 -3.36 4.44
N PRO A 12 -7.27 -3.63 4.08
CA PRO A 12 -6.13 -3.41 4.98
C PRO A 12 -5.92 -1.93 5.30
N GLU A 13 -4.91 -1.64 6.10
CA GLU A 13 -4.61 -0.27 6.48
C GLU A 13 -3.67 0.39 5.47
N HIS A 14 -4.22 1.27 4.64
CA HIS A 14 -3.43 1.96 3.63
C HIS A 14 -2.99 3.33 4.13
N VAL A 15 -1.67 3.52 4.23
CA VAL A 15 -1.12 4.78 4.68
C VAL A 15 -0.34 5.45 3.55
N ILE A 16 -0.41 6.77 3.47
CA ILE A 16 0.30 7.50 2.43
C ILE A 16 1.67 7.96 2.92
N LEU A 17 2.71 7.41 2.32
CA LEU A 17 4.08 7.73 2.67
C LEU A 17 4.69 8.70 1.67
N ASN A 18 5.61 9.51 2.15
CA ASN A 18 6.34 10.41 1.27
C ASN A 18 7.40 9.60 0.53
N GLU A 19 7.64 9.93 -0.73
CA GLU A 19 8.60 9.20 -1.54
C GLU A 19 9.90 8.98 -0.75
N SER A 20 10.26 9.96 0.06
CA SER A 20 11.45 9.86 0.90
C SER A 20 11.21 8.89 2.05
N GLU A 21 10.08 9.06 2.74
CA GLU A 21 9.72 8.18 3.84
C GLU A 21 9.56 6.76 3.36
N ALA A 22 8.79 6.59 2.30
CA ALA A 22 8.56 5.28 1.72
C ALA A 22 9.84 4.75 1.08
N LYS A 23 10.70 5.66 0.65
CA LYS A 23 11.97 5.27 0.04
C LYS A 23 12.79 4.42 0.99
N ARG A 24 12.97 4.90 2.21
CA ARG A 24 13.74 4.14 3.19
C ARG A 24 13.01 2.87 3.59
N VAL A 25 11.70 2.97 3.74
CA VAL A 25 10.89 1.82 4.12
C VAL A 25 11.04 0.70 3.11
N LEU A 26 10.78 1.02 1.84
CA LEU A 26 10.89 0.05 0.77
C LEU A 26 12.26 -0.64 0.81
N LYS A 27 13.31 0.16 0.86
CA LYS A 27 14.67 -0.38 0.93
C LYS A 27 14.88 -1.07 2.27
N GLU A 28 14.25 -0.52 3.30
CA GLU A 28 14.32 -1.09 4.64
C GLU A 28 13.70 -2.48 4.64
N LEU A 29 12.59 -2.61 3.93
CA LEU A 29 11.89 -3.88 3.81
C LEU A 29 12.67 -4.89 2.97
N ASP A 30 13.76 -4.42 2.35
CA ASP A 30 14.60 -5.28 1.49
C ASP A 30 14.02 -5.34 0.08
N ALA A 31 13.62 -4.17 -0.43
CA ALA A 31 13.06 -4.07 -1.77
C ALA A 31 13.04 -2.62 -2.23
N HIS A 32 12.81 -2.42 -3.53
CA HIS A 32 12.75 -1.07 -4.09
C HIS A 32 11.48 -0.90 -4.91
N PRO A 33 10.98 0.34 -5.00
CA PRO A 33 9.76 0.63 -5.76
C PRO A 33 9.86 0.14 -7.19
N GLU A 34 11.10 0.01 -7.68
CA GLU A 34 11.32 -0.50 -9.03
C GLU A 34 11.01 -1.99 -9.07
N GLN A 35 11.20 -2.66 -7.93
CA GLN A 35 10.93 -4.08 -7.83
C GLN A 35 9.50 -4.31 -7.34
N LEU A 36 8.98 -3.35 -6.58
CA LEU A 36 7.63 -3.44 -6.06
C LEU A 36 6.61 -3.15 -7.16
N PRO A 37 5.31 -3.30 -6.87
CA PRO A 37 4.25 -3.05 -7.83
C PRO A 37 3.85 -1.58 -7.88
N LYS A 38 3.59 -1.08 -9.08
CA LYS A 38 3.19 0.32 -9.26
C LYS A 38 1.80 0.41 -9.88
N ILE A 39 0.90 1.11 -9.20
CA ILE A 39 -0.46 1.29 -9.70
C ILE A 39 -0.65 2.71 -10.22
N LYS A 40 -1.15 2.80 -11.44
CA LYS A 40 -1.34 4.09 -12.09
C LYS A 40 -2.32 4.97 -11.33
N THR A 41 -2.19 6.28 -11.52
CA THR A 41 -3.08 7.23 -10.88
C THR A 41 -4.51 7.03 -11.40
N THR A 42 -4.63 6.45 -12.59
CA THR A 42 -5.94 6.15 -13.17
C THR A 42 -6.57 4.98 -12.42
N ASP A 43 -5.71 4.11 -11.90
CA ASP A 43 -6.15 2.96 -11.12
C ASP A 43 -6.68 3.39 -9.76
N PRO A 44 -7.56 2.58 -9.16
CA PRO A 44 -8.15 2.89 -7.84
C PRO A 44 -7.11 3.29 -6.82
N VAL A 45 -5.85 2.95 -7.07
CA VAL A 45 -4.78 3.27 -6.15
C VAL A 45 -4.80 4.75 -5.80
N ALA A 46 -4.96 5.59 -6.82
CA ALA A 46 -5.03 7.03 -6.63
C ALA A 46 -6.34 7.41 -5.96
N LYS A 47 -7.45 6.90 -6.50
CA LYS A 47 -8.76 7.16 -5.93
C LYS A 47 -8.76 6.83 -4.45
N ALA A 48 -7.97 5.82 -4.08
CA ALA A 48 -7.83 5.43 -2.70
C ALA A 48 -6.90 6.39 -1.98
N ILE A 49 -7.24 6.70 -0.73
CA ILE A 49 -6.45 7.64 0.07
C ILE A 49 -6.04 8.87 -0.73
N GLY A 50 -6.84 9.21 -1.75
CA GLY A 50 -6.54 10.37 -2.58
C GLY A 50 -5.08 10.52 -2.92
N ALA A 51 -4.42 9.40 -3.23
CA ALA A 51 -3.00 9.43 -3.58
C ALA A 51 -2.75 10.29 -4.82
N LYS A 52 -1.51 10.71 -4.98
CA LYS A 52 -1.13 11.53 -6.12
C LYS A 52 0.07 10.93 -6.84
N ARG A 53 0.28 11.35 -8.08
CA ARG A 53 1.39 10.87 -8.87
C ARG A 53 2.72 11.07 -8.14
N GLY A 54 3.19 10.01 -7.49
CA GLY A 54 4.44 10.09 -6.75
C GLY A 54 4.27 9.82 -5.27
N ASP A 55 3.14 9.22 -4.90
CA ASP A 55 2.87 8.90 -3.50
C ASP A 55 2.86 7.40 -3.29
N ILE A 56 3.63 6.94 -2.30
CA ILE A 56 3.69 5.52 -1.98
C ILE A 56 2.73 5.19 -0.85
N VAL A 57 2.07 4.03 -0.94
CA VAL A 57 1.12 3.60 0.06
C VAL A 57 1.66 2.48 0.93
N LYS A 58 1.34 2.53 2.22
CA LYS A 58 1.76 1.49 3.14
C LYS A 58 0.57 0.61 3.51
N ILE A 59 0.64 -0.65 3.10
CA ILE A 59 -0.42 -1.60 3.39
C ILE A 59 0.12 -2.72 4.26
N ILE A 60 -0.63 -3.08 5.30
CA ILE A 60 -0.21 -4.13 6.21
C ILE A 60 -1.23 -5.26 6.25
N ARG A 61 -0.74 -6.50 6.25
CA ARG A 61 -1.60 -7.67 6.26
C ARG A 61 -1.35 -8.49 7.52
N LYS A 62 -2.41 -8.73 8.29
CA LYS A 62 -2.29 -9.49 9.53
C LYS A 62 -2.69 -10.95 9.31
N SER A 63 -1.83 -11.86 9.72
CA SER A 63 -2.08 -13.29 9.57
C SER A 63 -2.39 -13.94 10.92
N PRO A 64 -2.72 -15.25 10.92
CA PRO A 64 -3.05 -15.98 12.14
C PRO A 64 -1.89 -15.98 13.14
N THR A 65 -2.22 -15.79 14.42
CA THR A 65 -1.24 -15.76 15.51
C THR A 65 -0.63 -14.36 15.66
N ALA A 66 0.21 -13.98 14.71
CA ALA A 66 0.85 -12.66 14.76
C ALA A 66 1.88 -12.50 13.64
N GLU A 67 1.43 -12.67 12.41
CA GLU A 67 2.30 -12.51 11.25
C GLU A 67 1.84 -11.35 10.37
N GLU A 68 2.62 -10.28 10.35
CA GLU A 68 2.27 -9.10 9.58
C GLU A 68 3.00 -9.09 8.23
N PHE A 69 2.26 -8.74 7.19
CA PHE A 69 2.82 -8.66 5.84
C PHE A 69 2.57 -7.28 5.23
N VAL A 70 3.63 -6.56 4.93
CA VAL A 70 3.49 -5.21 4.38
C VAL A 70 3.98 -5.12 2.94
N THR A 71 3.23 -4.39 2.12
CA THR A 71 3.57 -4.18 0.72
C THR A 71 3.32 -2.72 0.33
N TYR A 72 4.30 -2.09 -0.30
CA TYR A 72 4.17 -0.68 -0.67
C TYR A 72 3.83 -0.51 -2.16
N ARG A 73 2.96 0.45 -2.43
CA ARG A 73 2.57 0.76 -3.80
C ARG A 73 2.87 2.23 -4.09
N LEU A 74 3.55 2.49 -5.20
CA LEU A 74 3.91 3.85 -5.57
C LEU A 74 3.03 4.35 -6.71
N VAL A 75 2.28 5.41 -6.46
CA VAL A 75 1.40 5.98 -7.48
C VAL A 75 2.22 6.64 -8.59
N GLN A 76 2.09 6.10 -9.79
CA GLN A 76 2.82 6.60 -10.96
C GLN A 76 1.85 6.97 -12.08
N ASP A 77 2.27 7.88 -12.95
CA ASP A 77 1.43 8.30 -14.06
C ASP A 77 1.66 7.40 -15.28
N MET A 1 -10.47 -4.57 -13.68
CA MET A 1 -10.01 -4.80 -15.08
C MET A 1 -10.82 -5.91 -15.75
N LYS A 2 -12.08 -5.61 -16.05
CA LYS A 2 -12.95 -6.59 -16.69
C LYS A 2 -13.14 -7.82 -15.81
N ARG A 3 -13.40 -7.59 -14.53
CA ARG A 3 -13.58 -8.69 -13.58
C ARG A 3 -14.54 -8.29 -12.48
N GLU A 4 -15.78 -8.77 -12.56
CA GLU A 4 -16.79 -8.46 -11.56
C GLU A 4 -16.91 -9.59 -10.54
N ILE A 5 -16.88 -9.22 -9.26
CA ILE A 5 -16.99 -10.20 -8.18
C ILE A 5 -17.81 -9.65 -7.02
N LEU A 6 -18.21 -10.53 -6.11
CA LEU A 6 -19.00 -10.14 -4.95
C LEU A 6 -18.98 -11.23 -3.89
N LYS A 7 -18.05 -11.12 -2.94
CA LYS A 7 -17.93 -12.09 -1.87
C LYS A 7 -16.78 -11.73 -0.93
N HIS A 8 -15.66 -11.33 -1.51
CA HIS A 8 -14.49 -10.95 -0.73
C HIS A 8 -14.83 -9.87 0.28
N GLN A 9 -14.30 -10.00 1.49
CA GLN A 9 -14.55 -9.03 2.55
C GLN A 9 -13.29 -8.75 3.35
N LEU A 10 -13.34 -7.74 4.20
CA LEU A 10 -12.19 -7.37 5.04
C LEU A 10 -11.04 -6.86 4.16
N VAL A 11 -10.51 -5.69 4.52
CA VAL A 11 -9.40 -5.10 3.78
C VAL A 11 -8.36 -4.51 4.72
N PRO A 12 -7.09 -4.42 4.26
CA PRO A 12 -6.00 -3.88 5.07
C PRO A 12 -6.12 -2.38 5.28
N GLU A 13 -5.12 -1.79 5.93
CA GLU A 13 -5.11 -0.36 6.18
C GLU A 13 -4.17 0.36 5.22
N HIS A 14 -4.72 1.33 4.49
CA HIS A 14 -3.94 2.09 3.52
C HIS A 14 -3.41 3.39 4.12
N VAL A 15 -2.10 3.56 4.10
CA VAL A 15 -1.47 4.77 4.63
C VAL A 15 -0.61 5.43 3.55
N ILE A 16 -0.68 6.75 3.47
CA ILE A 16 0.11 7.48 2.47
C ILE A 16 1.48 7.85 3.03
N LEU A 17 2.51 7.43 2.31
CA LEU A 17 3.88 7.69 2.70
C LEU A 17 4.52 8.72 1.80
N ASN A 18 5.46 9.47 2.35
CA ASN A 18 6.23 10.40 1.56
C ASN A 18 7.30 9.63 0.80
N GLU A 19 7.55 10.00 -0.45
CA GLU A 19 8.52 9.29 -1.27
C GLU A 19 9.79 9.00 -0.48
N SER A 20 10.12 9.88 0.47
CA SER A 20 11.29 9.69 1.32
C SER A 20 11.00 8.63 2.38
N GLU A 21 9.89 8.79 3.09
CA GLU A 21 9.49 7.84 4.12
C GLU A 21 9.28 6.46 3.52
N ALA A 22 8.54 6.41 2.44
CA ALA A 22 8.26 5.16 1.76
C ALA A 22 9.52 4.59 1.14
N LYS A 23 10.46 5.47 0.80
CA LYS A 23 11.71 5.05 0.19
C LYS A 23 12.49 4.13 1.11
N ARG A 24 12.73 4.55 2.35
CA ARG A 24 13.45 3.69 3.29
C ARG A 24 12.65 2.45 3.57
N VAL A 25 11.36 2.63 3.78
CA VAL A 25 10.50 1.50 4.10
C VAL A 25 10.63 0.40 3.07
N LEU A 26 10.44 0.74 1.81
CA LEU A 26 10.57 -0.24 0.74
C LEU A 26 11.88 -1.01 0.85
N LYS A 27 12.98 -0.26 0.97
CA LYS A 27 14.29 -0.88 1.11
C LYS A 27 14.36 -1.63 2.43
N GLU A 28 13.82 -1.01 3.47
CA GLU A 28 13.74 -1.61 4.79
C GLU A 28 12.99 -2.93 4.72
N LEU A 29 11.95 -2.91 3.90
CA LEU A 29 11.08 -4.05 3.71
C LEU A 29 11.79 -5.20 3.01
N ASP A 30 13.00 -4.94 2.50
CA ASP A 30 13.77 -5.93 1.76
C ASP A 30 13.34 -5.96 0.30
N ALA A 31 13.14 -4.77 -0.26
CA ALA A 31 12.72 -4.62 -1.65
C ALA A 31 12.85 -3.17 -2.11
N HIS A 32 12.79 -2.97 -3.43
CA HIS A 32 12.88 -1.62 -3.98
C HIS A 32 11.63 -1.28 -4.77
N PRO A 33 11.25 0.01 -4.79
CA PRO A 33 10.06 0.46 -5.48
C PRO A 33 10.03 0.05 -6.95
N GLU A 34 11.21 -0.18 -7.51
CA GLU A 34 11.33 -0.62 -8.89
C GLU A 34 10.79 -2.03 -9.04
N GLN A 35 10.87 -2.80 -7.96
CA GLN A 35 10.40 -4.18 -7.95
C GLN A 35 8.90 -4.22 -7.62
N LEU A 36 8.56 -3.63 -6.49
CA LEU A 36 7.18 -3.58 -6.03
C LEU A 36 6.24 -3.15 -7.15
N PRO A 37 4.94 -3.53 -7.06
CA PRO A 37 3.95 -3.17 -8.05
C PRO A 37 3.53 -1.70 -7.96
N LYS A 38 3.36 -1.06 -9.11
CA LYS A 38 2.97 0.34 -9.16
C LYS A 38 1.68 0.51 -9.96
N ILE A 39 0.72 1.20 -9.37
CA ILE A 39 -0.54 1.46 -10.04
C ILE A 39 -0.61 2.90 -10.53
N LYS A 40 -1.03 3.07 -11.78
CA LYS A 40 -1.11 4.38 -12.39
C LYS A 40 -2.04 5.32 -11.62
N THR A 41 -1.80 6.61 -11.73
CA THR A 41 -2.63 7.60 -11.06
C THR A 41 -4.04 7.58 -11.66
N THR A 42 -4.16 7.11 -12.90
CA THR A 42 -5.46 6.98 -13.54
C THR A 42 -6.23 5.82 -12.92
N ASP A 43 -5.49 4.83 -12.43
CA ASP A 43 -6.07 3.67 -11.77
C ASP A 43 -6.61 4.07 -10.39
N PRO A 44 -7.60 3.30 -9.89
CA PRO A 44 -8.23 3.57 -8.59
C PRO A 44 -7.21 3.81 -7.48
N VAL A 45 -5.98 3.38 -7.71
CA VAL A 45 -4.93 3.56 -6.72
C VAL A 45 -4.86 5.03 -6.26
N ALA A 46 -4.93 5.94 -7.23
CA ALA A 46 -4.89 7.36 -6.95
C ALA A 46 -6.21 7.80 -6.30
N LYS A 47 -7.32 7.42 -6.93
CA LYS A 47 -8.63 7.75 -6.38
C LYS A 47 -8.71 7.32 -4.93
N ALA A 48 -8.03 6.23 -4.61
CA ALA A 48 -7.95 5.74 -3.25
C ALA A 48 -6.98 6.58 -2.45
N ILE A 49 -7.31 6.80 -1.18
CA ILE A 49 -6.47 7.63 -0.31
C ILE A 49 -5.99 8.89 -1.02
N GLY A 50 -6.78 9.36 -2.00
CA GLY A 50 -6.44 10.57 -2.73
C GLY A 50 -4.97 10.69 -3.06
N ALA A 51 -4.32 9.55 -3.32
CA ALA A 51 -2.90 9.56 -3.64
C ALA A 51 -2.62 10.37 -4.89
N LYS A 52 -1.38 10.82 -5.02
CA LYS A 52 -0.97 11.61 -6.17
C LYS A 52 0.25 10.99 -6.84
N ARG A 53 0.49 11.38 -8.08
CA ARG A 53 1.63 10.87 -8.83
C ARG A 53 2.93 11.08 -8.05
N GLY A 54 3.39 10.03 -7.37
CA GLY A 54 4.60 10.12 -6.59
C GLY A 54 4.39 9.82 -5.13
N ASP A 55 3.24 9.22 -4.79
CA ASP A 55 2.93 8.90 -3.41
C ASP A 55 2.82 7.38 -3.22
N ILE A 56 3.55 6.86 -2.25
CA ILE A 56 3.50 5.43 -1.95
C ILE A 56 2.55 5.14 -0.81
N VAL A 57 1.84 4.02 -0.90
CA VAL A 57 0.86 3.65 0.12
C VAL A 57 1.34 2.45 0.94
N LYS A 58 1.04 2.48 2.24
CA LYS A 58 1.44 1.41 3.14
C LYS A 58 0.26 0.52 3.50
N ILE A 59 0.35 -0.75 3.11
CA ILE A 59 -0.70 -1.73 3.41
C ILE A 59 -0.15 -2.83 4.31
N ILE A 60 -0.92 -3.20 5.33
CA ILE A 60 -0.50 -4.22 6.27
C ILE A 60 -1.46 -5.41 6.27
N ARG A 61 -0.91 -6.61 6.39
CA ARG A 61 -1.71 -7.81 6.43
C ARG A 61 -1.40 -8.61 7.69
N LYS A 62 -2.43 -8.89 8.48
CA LYS A 62 -2.26 -9.62 9.72
C LYS A 62 -2.25 -11.13 9.46
N SER A 63 -1.09 -11.73 9.64
CA SER A 63 -0.93 -13.17 9.42
C SER A 63 -0.98 -13.92 10.76
N PRO A 64 -0.89 -15.26 10.72
CA PRO A 64 -0.95 -16.09 11.93
C PRO A 64 0.17 -15.73 12.90
N THR A 65 -0.17 -15.66 14.19
CA THR A 65 0.79 -15.31 15.23
C THR A 65 1.05 -13.81 15.22
N ALA A 66 2.19 -13.39 15.77
CA ALA A 66 2.55 -11.98 15.81
C ALA A 66 3.32 -11.56 14.57
N GLU A 67 2.91 -12.05 13.41
CA GLU A 67 3.57 -11.72 12.14
C GLU A 67 2.61 -11.01 11.19
N GLU A 68 3.09 -9.92 10.60
CA GLU A 68 2.29 -9.15 9.66
C GLU A 68 2.97 -9.06 8.30
N PHE A 69 2.17 -8.94 7.24
CA PHE A 69 2.70 -8.80 5.89
C PHE A 69 2.37 -7.42 5.34
N VAL A 70 3.40 -6.62 5.07
CA VAL A 70 3.20 -5.29 4.56
C VAL A 70 3.77 -5.13 3.15
N THR A 71 3.01 -4.45 2.29
CA THR A 71 3.45 -4.21 0.92
C THR A 71 3.20 -2.75 0.54
N TYR A 72 4.21 -2.11 -0.04
CA TYR A 72 4.09 -0.72 -0.43
C TYR A 72 3.80 -0.58 -1.92
N ARG A 73 2.93 0.36 -2.26
CA ARG A 73 2.59 0.62 -3.65
C ARG A 73 2.84 2.09 -3.97
N LEU A 74 3.56 2.34 -5.06
CA LEU A 74 3.90 3.71 -5.44
C LEU A 74 3.00 4.20 -6.56
N VAL A 75 2.39 5.36 -6.34
CA VAL A 75 1.56 5.99 -7.36
C VAL A 75 2.45 6.63 -8.41
N GLN A 76 2.39 6.12 -9.63
CA GLN A 76 3.22 6.62 -10.71
C GLN A 76 2.39 6.97 -11.93
N ASP A 77 2.90 7.88 -12.76
CA ASP A 77 2.19 8.29 -13.96
C ASP A 77 2.39 7.28 -15.09
N MET A 1 -11.54 3.63 20.86
CA MET A 1 -11.46 2.43 21.73
C MET A 1 -12.70 2.29 22.61
N LYS A 2 -13.53 1.29 22.33
CA LYS A 2 -14.74 1.06 23.10
C LYS A 2 -14.56 -0.12 24.05
N ARG A 3 -14.65 -1.33 23.51
CA ARG A 3 -14.49 -2.54 24.30
C ARG A 3 -13.26 -3.33 23.86
N GLU A 4 -13.06 -3.40 22.55
CA GLU A 4 -11.91 -4.12 21.99
C GLU A 4 -10.94 -3.16 21.33
N ILE A 5 -10.00 -3.70 20.57
CA ILE A 5 -9.00 -2.89 19.88
C ILE A 5 -9.23 -2.89 18.38
N LEU A 6 -10.48 -3.12 17.98
CA LEU A 6 -10.87 -3.12 16.57
C LEU A 6 -9.82 -3.78 15.68
N LYS A 7 -10.05 -5.06 15.36
CA LYS A 7 -9.12 -5.80 14.52
C LYS A 7 -9.76 -7.09 14.01
N HIS A 8 -10.91 -6.96 13.36
CA HIS A 8 -11.62 -8.11 12.82
C HIS A 8 -12.05 -7.87 11.38
N GLN A 9 -11.33 -7.00 10.69
CA GLN A 9 -11.63 -6.68 9.31
C GLN A 9 -10.82 -7.55 8.35
N LEU A 10 -11.10 -7.44 7.06
CA LEU A 10 -10.40 -8.22 6.05
C LEU A 10 -9.33 -7.39 5.37
N VAL A 11 -9.76 -6.36 4.63
CA VAL A 11 -8.84 -5.49 3.93
C VAL A 11 -7.83 -4.86 4.88
N PRO A 12 -6.61 -4.59 4.39
CA PRO A 12 -5.54 -3.99 5.19
C PRO A 12 -5.70 -2.49 5.35
N GLU A 13 -4.82 -1.89 6.14
CA GLU A 13 -4.84 -0.45 6.37
C GLU A 13 -3.95 0.28 5.37
N HIS A 14 -4.46 1.35 4.78
CA HIS A 14 -3.71 2.11 3.78
C HIS A 14 -3.20 3.42 4.36
N VAL A 15 -1.90 3.64 4.20
CA VAL A 15 -1.27 4.88 4.68
C VAL A 15 -0.45 5.51 3.55
N ILE A 16 -0.49 6.83 3.45
CA ILE A 16 0.26 7.51 2.38
C ILE A 16 1.63 7.97 2.87
N LEU A 17 2.66 7.49 2.19
CA LEU A 17 4.04 7.81 2.53
C LEU A 17 4.64 8.77 1.53
N ASN A 18 5.58 9.58 2.00
CA ASN A 18 6.32 10.49 1.13
C ASN A 18 7.41 9.71 0.41
N GLU A 19 7.68 10.06 -0.83
CA GLU A 19 8.70 9.35 -1.62
C GLU A 19 9.96 9.13 -0.80
N SER A 20 10.29 10.10 0.05
CA SER A 20 11.46 9.99 0.91
C SER A 20 11.18 9.02 2.05
N GLU A 21 10.03 9.22 2.72
CA GLU A 21 9.63 8.35 3.81
C GLU A 21 9.50 6.91 3.33
N ALA A 22 8.75 6.74 2.25
CA ALA A 22 8.54 5.42 1.68
C ALA A 22 9.83 4.86 1.10
N LYS A 23 10.73 5.75 0.70
CA LYS A 23 12.00 5.32 0.12
C LYS A 23 12.80 4.52 1.12
N ARG A 24 12.94 5.03 2.34
CA ARG A 24 13.67 4.30 3.37
C ARG A 24 12.91 3.06 3.78
N VAL A 25 11.60 3.17 3.91
CA VAL A 25 10.76 2.04 4.29
C VAL A 25 10.91 0.90 3.29
N LEU A 26 10.68 1.21 2.02
CA LEU A 26 10.80 0.23 0.96
C LEU A 26 12.12 -0.51 1.04
N LYS A 27 13.21 0.25 1.12
CA LYS A 27 14.55 -0.33 1.22
C LYS A 27 14.72 -0.98 2.59
N GLU A 28 14.12 -0.37 3.60
CA GLU A 28 14.16 -0.90 4.96
C GLU A 28 13.51 -2.28 5.00
N LEU A 29 12.41 -2.41 4.28
CA LEU A 29 11.68 -3.66 4.19
C LEU A 29 12.45 -4.70 3.38
N ASP A 30 13.55 -4.28 2.75
CA ASP A 30 14.37 -5.17 1.93
C ASP A 30 13.78 -5.31 0.53
N ALA A 31 13.37 -4.18 -0.05
CA ALA A 31 12.80 -4.16 -1.38
C ALA A 31 12.87 -2.77 -1.99
N HIS A 32 12.73 -2.69 -3.30
CA HIS A 32 12.77 -1.40 -4.01
C HIS A 32 11.48 -1.17 -4.76
N PRO A 33 11.08 0.10 -4.91
CA PRO A 33 9.85 0.46 -5.61
C PRO A 33 9.80 -0.13 -7.02
N GLU A 34 10.96 -0.49 -7.55
CA GLU A 34 11.03 -1.11 -8.86
C GLU A 34 10.43 -2.51 -8.81
N GLN A 35 10.54 -3.13 -7.64
CA GLN A 35 10.01 -4.47 -7.43
C GLN A 35 8.55 -4.39 -7.00
N LEU A 36 8.30 -3.63 -5.95
CA LEU A 36 6.96 -3.44 -5.43
C LEU A 36 6.00 -3.05 -6.55
N PRO A 37 4.78 -3.62 -6.56
CA PRO A 37 3.78 -3.31 -7.58
C PRO A 37 3.43 -1.83 -7.60
N LYS A 38 3.23 -1.30 -8.80
CA LYS A 38 2.87 0.10 -8.96
C LYS A 38 1.49 0.24 -9.60
N ILE A 39 0.62 0.96 -8.93
CA ILE A 39 -0.73 1.17 -9.43
C ILE A 39 -0.85 2.53 -10.09
N LYS A 40 -1.25 2.50 -11.36
CA LYS A 40 -1.37 3.71 -12.17
C LYS A 40 -2.33 4.71 -11.53
N THR A 41 -2.01 5.99 -11.64
CA THR A 41 -2.87 7.04 -11.09
C THR A 41 -4.28 6.93 -11.68
N THR A 42 -4.38 6.36 -12.88
CA THR A 42 -5.67 6.15 -13.52
C THR A 42 -6.46 5.11 -12.73
N ASP A 43 -5.74 4.18 -12.12
CA ASP A 43 -6.35 3.15 -11.29
C ASP A 43 -6.85 3.75 -9.99
N PRO A 44 -7.84 3.10 -9.36
CA PRO A 44 -8.44 3.56 -8.10
C PRO A 44 -7.39 3.91 -7.05
N VAL A 45 -6.17 3.43 -7.24
CA VAL A 45 -5.10 3.70 -6.29
C VAL A 45 -4.99 5.19 -6.00
N ALA A 46 -5.03 5.99 -7.05
CA ALA A 46 -4.95 7.44 -6.91
C ALA A 46 -6.24 7.99 -6.31
N LYS A 47 -7.36 7.59 -6.88
CA LYS A 47 -8.66 8.01 -6.38
C LYS A 47 -8.77 7.70 -4.89
N ALA A 48 -8.13 6.61 -4.48
CA ALA A 48 -8.12 6.20 -3.09
C ALA A 48 -7.12 7.04 -2.31
N ILE A 49 -7.46 7.35 -1.07
CA ILE A 49 -6.59 8.15 -0.20
C ILE A 49 -6.01 9.36 -0.92
N GLY A 50 -6.71 9.82 -1.96
CA GLY A 50 -6.25 10.98 -2.72
C GLY A 50 -4.76 10.95 -3.01
N ALA A 51 -4.26 9.80 -3.45
CA ALA A 51 -2.84 9.66 -3.77
C ALA A 51 -2.49 10.43 -5.03
N LYS A 52 -1.22 10.74 -5.19
CA LYS A 52 -0.75 11.49 -6.35
C LYS A 52 0.42 10.80 -7.03
N ARG A 53 0.67 11.18 -8.26
CA ARG A 53 1.75 10.61 -9.05
C ARG A 53 3.08 10.77 -8.31
N GLY A 54 3.53 9.70 -7.67
CA GLY A 54 4.78 9.73 -6.94
C GLY A 54 4.57 9.53 -5.44
N ASP A 55 3.40 9.03 -5.07
CA ASP A 55 3.07 8.80 -3.67
C ASP A 55 2.98 7.31 -3.38
N ILE A 56 3.73 6.85 -2.38
CA ILE A 56 3.71 5.45 -2.00
C ILE A 56 2.76 5.20 -0.84
N VAL A 57 2.05 4.08 -0.89
CA VAL A 57 1.10 3.72 0.14
C VAL A 57 1.59 2.56 0.98
N LYS A 58 1.30 2.61 2.29
CA LYS A 58 1.72 1.56 3.21
C LYS A 58 0.55 0.65 3.55
N ILE A 59 0.66 -0.61 3.14
CA ILE A 59 -0.37 -1.59 3.42
C ILE A 59 0.18 -2.71 4.30
N ILE A 60 -0.55 -3.04 5.36
CA ILE A 60 -0.12 -4.10 6.26
C ILE A 60 -1.13 -5.24 6.29
N ARG A 61 -0.63 -6.46 6.12
CA ARG A 61 -1.45 -7.65 6.15
C ARG A 61 -1.20 -8.41 7.43
N LYS A 62 -2.25 -8.88 8.07
CA LYS A 62 -2.09 -9.60 9.34
C LYS A 62 -2.68 -11.00 9.26
N SER A 63 -1.90 -11.98 9.72
CA SER A 63 -2.33 -13.37 9.70
C SER A 63 -2.18 -14.03 11.07
N PRO A 64 -2.65 -15.28 11.21
CA PRO A 64 -2.57 -16.01 12.48
C PRO A 64 -1.13 -16.27 12.91
N THR A 65 -0.87 -16.11 14.20
CA THR A 65 0.46 -16.34 14.78
C THR A 65 1.35 -15.11 14.64
N ALA A 66 0.78 -13.95 14.93
CA ALA A 66 1.53 -12.68 14.87
C ALA A 66 2.38 -12.60 13.60
N GLU A 67 1.81 -13.01 12.47
CA GLU A 67 2.51 -12.95 11.19
C GLU A 67 1.86 -11.93 10.27
N GLU A 68 2.49 -10.78 10.11
CA GLU A 68 1.95 -9.74 9.25
C GLU A 68 2.82 -9.52 8.02
N PHE A 69 2.19 -9.08 6.94
CA PHE A 69 2.90 -8.81 5.71
C PHE A 69 2.61 -7.41 5.19
N VAL A 70 3.64 -6.58 5.08
CA VAL A 70 3.49 -5.22 4.60
C VAL A 70 3.94 -5.11 3.15
N THR A 71 3.18 -4.36 2.35
CA THR A 71 3.51 -4.15 0.94
C THR A 71 3.24 -2.70 0.54
N TYR A 72 4.21 -2.09 -0.13
CA TYR A 72 4.09 -0.70 -0.54
C TYR A 72 3.79 -0.58 -2.04
N ARG A 73 3.01 0.43 -2.39
CA ARG A 73 2.67 0.69 -3.79
C ARG A 73 2.92 2.15 -4.12
N LEU A 74 3.66 2.40 -5.19
CA LEU A 74 3.99 3.76 -5.60
C LEU A 74 3.07 4.23 -6.72
N VAL A 75 2.31 5.30 -6.45
CA VAL A 75 1.41 5.85 -7.46
C VAL A 75 2.21 6.42 -8.62
N GLN A 76 2.02 5.83 -9.79
CA GLN A 76 2.74 6.26 -10.99
C GLN A 76 1.77 6.58 -12.13
N ASP A 77 2.21 7.43 -13.04
CA ASP A 77 1.38 7.82 -14.18
C ASP A 77 1.08 6.63 -15.07
N MET A 1 -26.74 -15.62 -0.96
CA MET A 1 -26.27 -16.89 -0.37
C MET A 1 -24.79 -16.84 -0.04
N LYS A 2 -24.47 -16.88 1.25
CA LYS A 2 -23.08 -16.84 1.70
C LYS A 2 -22.36 -18.13 1.35
N ARG A 3 -21.43 -18.04 0.39
CA ARG A 3 -20.67 -19.20 -0.04
C ARG A 3 -19.93 -19.83 1.13
N GLU A 4 -19.02 -19.08 1.73
CA GLU A 4 -18.24 -19.57 2.86
C GLU A 4 -18.45 -18.70 4.10
N ILE A 5 -17.54 -18.83 5.06
CA ILE A 5 -17.59 -18.07 6.29
C ILE A 5 -16.77 -16.79 6.18
N LEU A 6 -17.04 -15.84 7.07
CA LEU A 6 -16.32 -14.57 7.08
C LEU A 6 -16.72 -13.70 5.90
N LYS A 7 -16.75 -12.39 6.11
CA LYS A 7 -17.10 -11.45 5.06
C LYS A 7 -16.92 -10.00 5.54
N HIS A 8 -17.43 -9.72 6.73
CA HIS A 8 -17.31 -8.38 7.31
C HIS A 8 -15.87 -7.93 7.37
N GLN A 9 -15.57 -6.79 6.78
CA GLN A 9 -14.22 -6.26 6.76
C GLN A 9 -13.24 -7.25 6.14
N LEU A 10 -13.03 -7.11 4.83
CA LEU A 10 -12.12 -8.01 4.11
C LEU A 10 -11.02 -7.21 3.42
N VAL A 11 -10.69 -6.06 3.98
CA VAL A 11 -9.64 -5.21 3.42
C VAL A 11 -8.67 -4.74 4.51
N PRO A 12 -7.39 -4.54 4.14
CA PRO A 12 -6.36 -4.11 5.09
C PRO A 12 -6.38 -2.59 5.29
N GLU A 13 -5.35 -2.08 5.94
CA GLU A 13 -5.24 -0.64 6.20
C GLU A 13 -4.31 0.02 5.20
N HIS A 14 -4.79 1.09 4.55
CA HIS A 14 -4.00 1.80 3.56
C HIS A 14 -3.48 3.12 4.13
N VAL A 15 -2.17 3.33 4.00
CA VAL A 15 -1.54 4.55 4.49
C VAL A 15 -0.71 5.21 3.39
N ILE A 16 -0.68 6.53 3.36
CA ILE A 16 0.09 7.24 2.35
C ILE A 16 1.44 7.66 2.90
N LEU A 17 2.50 7.24 2.21
CA LEU A 17 3.86 7.54 2.60
C LEU A 17 4.50 8.57 1.69
N ASN A 18 5.42 9.34 2.26
CA ASN A 18 6.19 10.28 1.48
C ASN A 18 7.30 9.51 0.75
N GLU A 19 7.61 9.90 -0.47
CA GLU A 19 8.63 9.20 -1.25
C GLU A 19 9.87 8.91 -0.42
N SER A 20 10.27 9.88 0.39
CA SER A 20 11.43 9.72 1.27
C SER A 20 11.14 8.66 2.34
N GLU A 21 10.03 8.82 3.05
CA GLU A 21 9.64 7.88 4.08
C GLU A 21 9.43 6.49 3.49
N ALA A 22 8.65 6.43 2.43
CA ALA A 22 8.37 5.17 1.76
C ALA A 22 9.63 4.61 1.12
N LYS A 23 10.54 5.50 0.75
CA LYS A 23 11.79 5.10 0.12
C LYS A 23 12.58 4.14 1.02
N ARG A 24 12.84 4.56 2.25
CA ARG A 24 13.56 3.71 3.17
C ARG A 24 12.77 2.45 3.48
N VAL A 25 11.49 2.63 3.75
CA VAL A 25 10.63 1.50 4.10
C VAL A 25 10.73 0.42 3.04
N LEU A 26 10.49 0.79 1.80
CA LEU A 26 10.58 -0.14 0.69
C LEU A 26 11.88 -0.94 0.75
N LYS A 27 13.00 -0.24 0.97
CA LYS A 27 14.30 -0.89 1.08
C LYS A 27 14.43 -1.63 2.41
N GLU A 28 14.05 -0.94 3.47
CA GLU A 28 14.07 -1.49 4.81
C GLU A 28 13.35 -2.83 4.85
N LEU A 29 12.18 -2.87 4.22
CA LEU A 29 11.43 -4.10 4.12
C LEU A 29 12.29 -5.19 3.49
N ASP A 30 12.72 -4.93 2.25
CA ASP A 30 13.55 -5.82 1.46
C ASP A 30 13.20 -5.69 -0.03
N ALA A 31 13.05 -4.45 -0.49
CA ALA A 31 12.67 -4.22 -1.88
C ALA A 31 12.81 -2.76 -2.27
N HIS A 32 12.62 -2.49 -3.56
CA HIS A 32 12.70 -1.13 -4.07
C HIS A 32 11.43 -0.80 -4.85
N PRO A 33 11.04 0.48 -4.88
CA PRO A 33 9.83 0.93 -5.56
C PRO A 33 9.80 0.44 -7.01
N GLU A 34 10.94 0.56 -7.69
CA GLU A 34 11.04 0.09 -9.06
C GLU A 34 10.69 -1.39 -9.13
N GLN A 35 11.13 -2.12 -8.11
CA GLN A 35 10.83 -3.54 -8.00
C GLN A 35 9.36 -3.75 -7.69
N LEU A 36 8.93 -3.11 -6.62
CA LEU A 36 7.53 -3.18 -6.19
C LEU A 36 6.61 -2.64 -7.29
N PRO A 37 5.42 -3.24 -7.46
CA PRO A 37 4.47 -2.81 -8.48
C PRO A 37 4.02 -1.37 -8.27
N LYS A 38 3.82 -0.65 -9.36
CA LYS A 38 3.37 0.73 -9.29
C LYS A 38 1.98 0.87 -9.91
N ILE A 39 1.04 1.40 -9.15
CA ILE A 39 -0.31 1.58 -9.64
C ILE A 39 -0.50 3.00 -10.17
N LYS A 40 -0.91 3.08 -11.43
CA LYS A 40 -1.06 4.34 -12.12
C LYS A 40 -2.03 5.27 -11.41
N THR A 41 -1.84 6.57 -11.59
CA THR A 41 -2.72 7.57 -10.99
C THR A 41 -4.12 7.46 -11.59
N THR A 42 -4.23 6.80 -12.74
CA THR A 42 -5.54 6.56 -13.36
C THR A 42 -6.21 5.38 -12.67
N ASP A 43 -5.40 4.48 -12.13
CA ASP A 43 -5.88 3.31 -11.41
C ASP A 43 -6.47 3.74 -10.06
N PRO A 44 -7.40 2.93 -9.52
CA PRO A 44 -8.07 3.21 -8.24
C PRO A 44 -7.08 3.62 -7.15
N VAL A 45 -5.82 3.28 -7.33
CA VAL A 45 -4.80 3.61 -6.35
C VAL A 45 -4.85 5.10 -6.01
N ALA A 46 -5.02 5.93 -7.03
CA ALA A 46 -5.08 7.37 -6.84
C ALA A 46 -6.41 7.79 -6.19
N LYS A 47 -7.52 7.33 -6.75
CA LYS A 47 -8.82 7.66 -6.19
C LYS A 47 -8.87 7.28 -4.71
N ALA A 48 -8.17 6.20 -4.38
CA ALA A 48 -8.08 5.76 -3.00
C ALA A 48 -7.10 6.64 -2.24
N ILE A 49 -7.46 6.99 -1.01
CA ILE A 49 -6.65 7.86 -0.16
C ILE A 49 -6.11 9.06 -0.94
N GLY A 50 -6.82 9.45 -2.00
CA GLY A 50 -6.40 10.60 -2.79
C GLY A 50 -4.91 10.63 -3.06
N ALA A 51 -4.35 9.50 -3.50
CA ALA A 51 -2.92 9.44 -3.80
C ALA A 51 -2.59 10.30 -5.00
N LYS A 52 -1.32 10.71 -5.08
CA LYS A 52 -0.86 11.54 -6.18
C LYS A 52 0.36 10.93 -6.86
N ARG A 53 0.64 11.38 -8.06
CA ARG A 53 1.77 10.87 -8.82
C ARG A 53 3.07 11.02 -8.03
N GLY A 54 3.51 9.93 -7.43
CA GLY A 54 4.74 9.96 -6.65
C GLY A 54 4.51 9.65 -5.18
N ASP A 55 3.36 9.04 -4.88
CA ASP A 55 3.01 8.70 -3.51
C ASP A 55 2.94 7.19 -3.32
N ILE A 56 3.65 6.69 -2.31
CA ILE A 56 3.63 5.26 -2.01
C ILE A 56 2.63 4.97 -0.91
N VAL A 57 1.93 3.85 -1.03
CA VAL A 57 0.93 3.46 -0.04
C VAL A 57 1.42 2.31 0.83
N LYS A 58 1.11 2.37 2.12
CA LYS A 58 1.53 1.33 3.05
C LYS A 58 0.32 0.47 3.43
N ILE A 59 0.38 -0.80 3.06
CA ILE A 59 -0.67 -1.75 3.38
C ILE A 59 -0.12 -2.85 4.28
N ILE A 60 -0.90 -3.24 5.29
CA ILE A 60 -0.46 -4.27 6.21
C ILE A 60 -1.45 -5.41 6.31
N ARG A 61 -0.93 -6.62 6.42
CA ARG A 61 -1.77 -7.82 6.55
C ARG A 61 -1.50 -8.49 7.89
N LYS A 62 -2.55 -8.94 8.55
CA LYS A 62 -2.42 -9.58 9.85
C LYS A 62 -2.79 -11.05 9.80
N SER A 63 -1.96 -11.88 10.43
CA SER A 63 -2.19 -13.32 10.48
C SER A 63 -2.02 -13.82 11.90
N PRO A 64 -2.20 -15.13 12.12
CA PRO A 64 -2.06 -15.74 13.45
C PRO A 64 -0.67 -15.51 14.03
N THR A 65 -0.62 -15.10 15.29
CA THR A 65 0.64 -14.80 15.97
C THR A 65 1.20 -13.46 15.49
N ALA A 66 2.49 -13.24 15.71
CA ALA A 66 3.13 -11.99 15.31
C ALA A 66 3.60 -12.07 13.86
N GLU A 67 2.68 -12.40 12.96
CA GLU A 67 3.01 -12.52 11.54
C GLU A 67 2.21 -11.52 10.71
N GLU A 68 2.88 -10.48 10.23
CA GLU A 68 2.24 -9.47 9.41
C GLU A 68 2.88 -9.39 8.02
N PHE A 69 2.09 -9.00 7.03
CA PHE A 69 2.57 -8.86 5.67
C PHE A 69 2.25 -7.47 5.12
N VAL A 70 3.30 -6.72 4.79
CA VAL A 70 3.13 -5.37 4.27
C VAL A 70 3.63 -5.25 2.84
N THR A 71 2.88 -4.53 2.02
CA THR A 71 3.25 -4.33 0.62
C THR A 71 3.09 -2.86 0.23
N TYR A 72 4.13 -2.30 -0.37
CA TYR A 72 4.11 -0.89 -0.80
C TYR A 72 3.89 -0.75 -2.29
N ARG A 73 3.15 0.28 -2.67
CA ARG A 73 2.90 0.57 -4.08
C ARG A 73 3.06 2.06 -4.33
N LEU A 74 3.85 2.42 -5.34
CA LEU A 74 4.11 3.82 -5.66
C LEU A 74 3.23 4.31 -6.79
N VAL A 75 2.48 5.38 -6.52
CA VAL A 75 1.62 5.98 -7.54
C VAL A 75 2.48 6.64 -8.61
N GLN A 76 2.38 6.11 -9.83
CA GLN A 76 3.17 6.63 -10.95
C GLN A 76 2.27 7.05 -12.12
N ASP A 77 2.78 7.95 -12.95
CA ASP A 77 2.02 8.41 -14.10
C ASP A 77 2.23 7.49 -15.30
N MET A 1 -15.14 8.14 -2.22
CA MET A 1 -14.42 7.44 -1.14
C MET A 1 -15.32 7.17 0.06
N LYS A 2 -15.64 5.90 0.29
CA LYS A 2 -16.50 5.53 1.41
C LYS A 2 -15.68 5.33 2.68
N ARG A 3 -16.11 5.97 3.75
CA ARG A 3 -15.42 5.87 5.04
C ARG A 3 -15.82 4.60 5.76
N GLU A 4 -15.18 4.34 6.91
CA GLU A 4 -15.48 3.15 7.70
C GLU A 4 -15.73 3.53 9.16
N ILE A 5 -15.67 2.53 10.03
CA ILE A 5 -15.88 2.75 11.46
C ILE A 5 -14.99 1.84 12.29
N LEU A 6 -13.68 2.04 12.19
CA LEU A 6 -12.72 1.24 12.94
C LEU A 6 -12.75 -0.22 12.50
N LYS A 7 -13.13 -0.44 11.25
CA LYS A 7 -13.19 -1.79 10.70
C LYS A 7 -11.81 -2.29 10.27
N HIS A 8 -11.46 -3.50 10.70
CA HIS A 8 -10.17 -4.08 10.37
C HIS A 8 -10.23 -5.60 10.45
N GLN A 9 -11.32 -6.18 9.96
CA GLN A 9 -11.51 -7.62 9.98
C GLN A 9 -11.03 -8.26 8.68
N LEU A 10 -11.41 -7.65 7.56
CA LEU A 10 -11.02 -8.16 6.25
C LEU A 10 -9.94 -7.29 5.62
N VAL A 11 -10.36 -6.20 4.99
CA VAL A 11 -9.43 -5.28 4.33
C VAL A 11 -8.37 -4.78 5.32
N PRO A 12 -7.15 -4.54 4.82
CA PRO A 12 -6.05 -4.05 5.65
C PRO A 12 -6.10 -2.54 5.86
N GLU A 13 -5.00 -1.98 6.36
CA GLU A 13 -4.92 -0.55 6.60
C GLU A 13 -4.13 0.16 5.50
N HIS A 14 -4.70 1.23 4.96
CA HIS A 14 -4.04 1.98 3.90
C HIS A 14 -3.49 3.31 4.42
N VAL A 15 -2.19 3.51 4.25
CA VAL A 15 -1.54 4.73 4.68
C VAL A 15 -0.73 5.35 3.54
N ILE A 16 -0.64 6.68 3.51
CA ILE A 16 0.11 7.37 2.46
C ILE A 16 1.48 7.80 2.97
N LEU A 17 2.51 7.31 2.29
CA LEU A 17 3.89 7.60 2.65
C LEU A 17 4.53 8.56 1.65
N ASN A 18 5.47 9.36 2.13
CA ASN A 18 6.22 10.24 1.27
C ASN A 18 7.31 9.45 0.56
N GLU A 19 7.58 9.79 -0.69
CA GLU A 19 8.59 9.08 -1.47
C GLU A 19 9.86 8.86 -0.65
N SER A 20 10.19 9.82 0.19
CA SER A 20 11.36 9.71 1.07
C SER A 20 11.10 8.72 2.19
N GLU A 21 9.98 8.91 2.88
CA GLU A 21 9.60 8.02 3.97
C GLU A 21 9.45 6.59 3.47
N ALA A 22 8.68 6.44 2.40
CA ALA A 22 8.46 5.14 1.80
C ALA A 22 9.74 4.60 1.18
N LYS A 23 10.63 5.51 0.79
CA LYS A 23 11.89 5.11 0.18
C LYS A 23 12.70 4.25 1.14
N ARG A 24 12.89 4.70 2.37
CA ARG A 24 13.63 3.92 3.35
C ARG A 24 12.87 2.66 3.69
N VAL A 25 11.57 2.78 3.86
CA VAL A 25 10.72 1.64 4.20
C VAL A 25 10.88 0.54 3.16
N LEU A 26 10.66 0.90 1.89
CA LEU A 26 10.80 -0.06 0.80
C LEU A 26 12.15 -0.76 0.89
N LYS A 27 13.22 0.02 0.92
CA LYS A 27 14.56 -0.54 1.04
C LYS A 27 14.71 -1.29 2.35
N GLU A 28 14.03 -0.78 3.38
CA GLU A 28 14.05 -1.38 4.71
C GLU A 28 13.39 -2.75 4.68
N LEU A 29 12.29 -2.83 3.93
CA LEU A 29 11.54 -4.08 3.79
C LEU A 29 12.32 -5.13 2.99
N ASP A 30 13.46 -4.73 2.42
CA ASP A 30 14.28 -5.62 1.60
C ASP A 30 13.79 -5.66 0.16
N ALA A 31 13.27 -4.52 -0.29
CA ALA A 31 12.78 -4.39 -1.65
C ALA A 31 12.87 -2.94 -2.12
N HIS A 32 12.68 -2.73 -3.41
CA HIS A 32 12.71 -1.37 -3.96
C HIS A 32 11.49 -1.13 -4.83
N PRO A 33 11.06 0.14 -4.94
CA PRO A 33 9.87 0.51 -5.70
C PRO A 33 9.90 -0.03 -7.12
N GLU A 34 11.08 -0.07 -7.72
CA GLU A 34 11.24 -0.62 -9.06
C GLU A 34 10.72 -2.06 -9.07
N GLN A 35 10.98 -2.77 -7.97
CA GLN A 35 10.54 -4.13 -7.82
C GLN A 35 9.06 -4.17 -7.47
N LEU A 36 8.70 -3.48 -6.41
CA LEU A 36 7.32 -3.43 -5.94
C LEU A 36 6.37 -3.09 -7.10
N PRO A 37 5.09 -3.45 -6.95
CA PRO A 37 4.08 -3.17 -7.98
C PRO A 37 3.68 -1.69 -8.00
N LYS A 38 3.46 -1.15 -9.19
CA LYS A 38 3.09 0.26 -9.33
C LYS A 38 1.76 0.41 -10.03
N ILE A 39 0.86 1.15 -9.40
CA ILE A 39 -0.46 1.40 -9.97
C ILE A 39 -0.55 2.83 -10.47
N LYS A 40 -0.98 2.98 -11.71
CA LYS A 40 -1.08 4.28 -12.35
C LYS A 40 -2.02 5.21 -11.60
N THR A 41 -1.79 6.51 -11.74
CA THR A 41 -2.64 7.51 -11.10
C THR A 41 -4.05 7.43 -11.65
N THR A 42 -4.18 6.93 -12.88
CA THR A 42 -5.49 6.75 -13.50
C THR A 42 -6.22 5.58 -12.83
N ASP A 43 -5.44 4.64 -12.32
CA ASP A 43 -5.99 3.48 -11.62
C ASP A 43 -6.55 3.89 -10.27
N PRO A 44 -7.52 3.12 -9.74
CA PRO A 44 -8.14 3.38 -8.44
C PRO A 44 -7.13 3.68 -7.35
N VAL A 45 -5.89 3.27 -7.58
CA VAL A 45 -4.83 3.51 -6.61
C VAL A 45 -4.79 4.98 -6.20
N ALA A 46 -4.87 5.87 -7.19
CA ALA A 46 -4.89 7.30 -6.94
C ALA A 46 -6.22 7.71 -6.33
N LYS A 47 -7.31 7.23 -6.91
CA LYS A 47 -8.64 7.50 -6.40
C LYS A 47 -8.71 7.11 -4.92
N ALA A 48 -7.96 6.07 -4.58
CA ALA A 48 -7.88 5.61 -3.20
C ALA A 48 -6.97 6.53 -2.40
N ILE A 49 -7.36 6.79 -1.16
CA ILE A 49 -6.60 7.68 -0.27
C ILE A 49 -6.15 8.94 -1.00
N GLY A 50 -6.89 9.34 -2.04
CA GLY A 50 -6.55 10.53 -2.80
C GLY A 50 -5.06 10.68 -3.06
N ALA A 51 -4.41 9.58 -3.42
CA ALA A 51 -2.96 9.62 -3.67
C ALA A 51 -2.65 10.33 -4.97
N LYS A 52 -1.58 11.09 -4.94
CA LYS A 52 -1.09 11.78 -6.11
C LYS A 52 0.16 11.07 -6.60
N ARG A 53 0.55 11.34 -7.84
CA ARG A 53 1.71 10.69 -8.38
C ARG A 53 2.94 10.96 -7.53
N GLY A 54 3.70 9.90 -7.27
CA GLY A 54 4.88 10.01 -6.44
C GLY A 54 4.63 9.64 -4.98
N ASP A 55 3.37 9.27 -4.67
CA ASP A 55 3.02 8.90 -3.31
C ASP A 55 2.89 7.39 -3.16
N ILE A 56 3.61 6.84 -2.19
CA ILE A 56 3.55 5.40 -1.94
C ILE A 56 2.57 5.10 -0.81
N VAL A 57 1.85 3.99 -0.94
CA VAL A 57 0.86 3.61 0.06
C VAL A 57 1.36 2.44 0.90
N LYS A 58 1.06 2.49 2.19
CA LYS A 58 1.48 1.45 3.12
C LYS A 58 0.30 0.55 3.50
N ILE A 59 0.40 -0.72 3.11
CA ILE A 59 -0.63 -1.70 3.43
C ILE A 59 -0.05 -2.79 4.32
N ILE A 60 -0.80 -3.20 5.33
CA ILE A 60 -0.33 -4.23 6.26
C ILE A 60 -1.30 -5.41 6.32
N ARG A 61 -0.75 -6.62 6.26
CA ARG A 61 -1.56 -7.83 6.31
C ARG A 61 -1.32 -8.58 7.63
N LYS A 62 -2.40 -8.83 8.37
CA LYS A 62 -2.29 -9.50 9.66
C LYS A 62 -2.58 -11.00 9.53
N SER A 63 -1.68 -11.81 10.08
CA SER A 63 -1.84 -13.26 10.04
C SER A 63 -1.91 -13.85 11.44
N PRO A 64 -1.95 -15.19 11.55
CA PRO A 64 -1.95 -15.87 12.84
C PRO A 64 -0.56 -15.86 13.46
N THR A 65 -0.50 -15.59 14.76
CA THR A 65 0.78 -15.52 15.48
C THR A 65 1.44 -14.14 15.29
N ALA A 66 0.68 -13.18 14.78
CA ALA A 66 1.16 -11.81 14.59
C ALA A 66 2.11 -11.67 13.40
N GLU A 67 1.89 -12.44 12.34
CA GLU A 67 2.71 -12.29 11.14
C GLU A 67 2.18 -11.14 10.31
N GLU A 68 2.85 -10.00 10.39
CA GLU A 68 2.40 -8.82 9.68
C GLU A 68 3.14 -8.67 8.35
N PHE A 69 2.38 -8.74 7.26
CA PHE A 69 2.95 -8.62 5.92
C PHE A 69 2.59 -7.28 5.30
N VAL A 70 3.62 -6.47 5.02
CA VAL A 70 3.40 -5.15 4.46
C VAL A 70 3.74 -5.10 2.96
N THR A 71 2.90 -4.41 2.21
CA THR A 71 3.11 -4.25 0.77
C THR A 71 2.91 -2.78 0.37
N TYR A 72 3.91 -2.22 -0.30
CA TYR A 72 3.85 -0.81 -0.70
C TYR A 72 3.56 -0.65 -2.19
N ARG A 73 2.79 0.38 -2.52
CA ARG A 73 2.48 0.70 -3.90
C ARG A 73 2.79 2.17 -4.16
N LEU A 74 3.55 2.44 -5.22
CA LEU A 74 3.92 3.81 -5.55
C LEU A 74 3.05 4.35 -6.67
N VAL A 75 2.35 5.46 -6.39
CA VAL A 75 1.49 6.08 -7.39
C VAL A 75 2.34 6.71 -8.50
N GLN A 76 2.19 6.18 -9.70
CA GLN A 76 2.94 6.66 -10.86
C GLN A 76 2.00 7.08 -11.98
N ASP A 77 2.47 7.95 -12.86
CA ASP A 77 1.65 8.42 -13.98
C ASP A 77 2.03 7.70 -15.27
N MET A 1 -17.43 -17.66 2.52
CA MET A 1 -18.22 -18.67 1.78
C MET A 1 -19.41 -18.04 1.07
N LYS A 2 -19.56 -18.34 -0.21
CA LYS A 2 -20.66 -17.80 -0.99
C LYS A 2 -20.56 -16.28 -1.12
N ARG A 3 -20.45 -15.80 -2.35
CA ARG A 3 -20.35 -14.36 -2.61
C ARG A 3 -21.21 -13.96 -3.80
N GLU A 4 -21.31 -12.66 -4.03
CA GLU A 4 -22.11 -12.14 -5.14
C GLU A 4 -21.32 -11.10 -5.95
N ILE A 5 -22.03 -10.42 -6.83
CA ILE A 5 -21.42 -9.40 -7.68
C ILE A 5 -21.03 -8.18 -6.85
N LEU A 6 -20.11 -8.37 -5.91
CA LEU A 6 -19.64 -7.28 -5.06
C LEU A 6 -18.67 -7.79 -4.00
N LYS A 7 -17.71 -6.95 -3.65
CA LYS A 7 -16.71 -7.32 -2.65
C LYS A 7 -15.78 -6.13 -2.36
N HIS A 8 -16.12 -5.37 -1.32
CA HIS A 8 -15.33 -4.22 -0.93
C HIS A 8 -15.39 -3.99 0.57
N GLN A 9 -15.49 -5.08 1.33
CA GLN A 9 -15.57 -5.01 2.78
C GLN A 9 -14.54 -5.93 3.43
N LEU A 10 -13.38 -6.04 2.80
CA LEU A 10 -12.31 -6.90 3.31
C LEU A 10 -10.95 -6.33 2.95
N VAL A 11 -10.88 -5.01 2.80
CA VAL A 11 -9.63 -4.34 2.44
C VAL A 11 -8.79 -4.06 3.68
N PRO A 12 -7.45 -4.06 3.52
CA PRO A 12 -6.54 -3.79 4.63
C PRO A 12 -6.44 -2.31 4.97
N GLU A 13 -5.44 -1.96 5.78
CA GLU A 13 -5.22 -0.58 6.16
C GLU A 13 -4.29 0.12 5.17
N HIS A 14 -4.71 1.28 4.69
CA HIS A 14 -3.91 2.02 3.71
C HIS A 14 -3.34 3.31 4.30
N VAL A 15 -2.06 3.52 4.06
CA VAL A 15 -1.36 4.73 4.52
C VAL A 15 -0.53 5.31 3.39
N ILE A 16 -0.37 6.62 3.37
CA ILE A 16 0.40 7.26 2.29
C ILE A 16 1.78 7.71 2.76
N LEU A 17 2.81 7.07 2.22
CA LEU A 17 4.18 7.42 2.52
C LEU A 17 4.62 8.68 1.80
N ASN A 18 5.55 9.39 2.42
CA ASN A 18 6.23 10.46 1.72
C ASN A 18 7.37 9.80 0.94
N GLU A 19 7.64 10.28 -0.26
CA GLU A 19 8.65 9.65 -1.11
C GLU A 19 9.92 9.32 -0.33
N SER A 20 10.31 10.20 0.57
CA SER A 20 11.47 9.95 1.41
C SER A 20 11.17 8.84 2.42
N GLU A 21 10.01 8.94 3.06
CA GLU A 21 9.60 7.95 4.03
C GLU A 21 9.42 6.58 3.39
N ALA A 22 8.67 6.53 2.30
CA ALA A 22 8.42 5.29 1.61
C ALA A 22 9.72 4.70 1.08
N LYS A 23 10.66 5.58 0.75
CA LYS A 23 11.94 5.16 0.20
C LYS A 23 12.69 4.27 1.18
N ARG A 24 12.87 4.73 2.40
CA ARG A 24 13.58 3.94 3.40
C ARG A 24 12.82 2.65 3.70
N VAL A 25 11.50 2.77 3.80
CA VAL A 25 10.66 1.62 4.11
C VAL A 25 10.81 0.54 3.04
N LEU A 26 10.61 0.91 1.79
CA LEU A 26 10.75 0.00 0.67
C LEU A 26 12.08 -0.75 0.75
N LYS A 27 13.16 0.00 0.91
CA LYS A 27 14.49 -0.59 1.02
C LYS A 27 14.61 -1.34 2.34
N GLU A 28 14.00 -0.78 3.38
CA GLU A 28 14.01 -1.38 4.70
C GLU A 28 13.35 -2.75 4.65
N LEU A 29 12.27 -2.83 3.90
CA LEU A 29 11.53 -4.08 3.73
C LEU A 29 12.30 -5.09 2.88
N ASP A 30 13.43 -4.65 2.30
CA ASP A 30 14.26 -5.51 1.45
C ASP A 30 13.73 -5.53 0.02
N ALA A 31 13.30 -4.36 -0.46
CA ALA A 31 12.80 -4.23 -1.82
C ALA A 31 12.89 -2.78 -2.30
N HIS A 32 12.71 -2.60 -3.60
CA HIS A 32 12.75 -1.27 -4.18
C HIS A 32 11.51 -1.01 -5.02
N PRO A 33 11.10 0.26 -5.15
CA PRO A 33 9.91 0.63 -5.91
C PRO A 33 9.95 0.04 -7.32
N GLU A 34 11.15 -0.08 -7.87
CA GLU A 34 11.31 -0.69 -9.20
C GLU A 34 10.80 -2.12 -9.15
N GLN A 35 11.08 -2.78 -8.04
CA GLN A 35 10.64 -4.15 -7.81
C GLN A 35 9.17 -4.15 -7.41
N LEU A 36 8.87 -3.32 -6.43
CA LEU A 36 7.51 -3.14 -5.95
C LEU A 36 6.59 -2.78 -7.10
N PRO A 37 5.31 -3.19 -7.03
CA PRO A 37 4.32 -2.88 -8.06
C PRO A 37 3.98 -1.41 -8.09
N LYS A 38 3.64 -0.91 -9.27
CA LYS A 38 3.25 0.49 -9.42
C LYS A 38 1.88 0.58 -10.09
N ILE A 39 0.95 1.24 -9.42
CA ILE A 39 -0.39 1.39 -9.94
C ILE A 39 -0.65 2.80 -10.44
N LYS A 40 -1.08 2.89 -11.70
CA LYS A 40 -1.32 4.17 -12.35
C LYS A 40 -2.26 5.04 -11.55
N THR A 41 -2.05 6.35 -11.64
CA THR A 41 -2.90 7.32 -10.98
C THR A 41 -4.32 7.27 -11.55
N THR A 42 -4.45 6.70 -12.75
CA THR A 42 -5.76 6.55 -13.38
C THR A 42 -6.54 5.43 -12.67
N ASP A 43 -5.79 4.43 -12.22
CA ASP A 43 -6.38 3.31 -11.49
C ASP A 43 -6.83 3.76 -10.11
N PRO A 44 -7.84 3.08 -9.55
CA PRO A 44 -8.38 3.39 -8.22
C PRO A 44 -7.31 3.62 -7.18
N VAL A 45 -6.10 3.14 -7.46
CA VAL A 45 -4.98 3.30 -6.55
C VAL A 45 -4.84 4.75 -6.12
N ALA A 46 -4.91 5.65 -7.10
CA ALA A 46 -4.83 7.09 -6.82
C ALA A 46 -6.12 7.57 -6.16
N LYS A 47 -7.25 7.19 -6.73
CA LYS A 47 -8.55 7.56 -6.17
C LYS A 47 -8.60 7.19 -4.69
N ALA A 48 -7.91 6.10 -4.35
CA ALA A 48 -7.83 5.66 -2.98
C ALA A 48 -6.87 6.55 -2.20
N ILE A 49 -7.22 6.82 -0.94
CA ILE A 49 -6.41 7.68 -0.09
C ILE A 49 -5.94 8.94 -0.83
N GLY A 50 -6.70 9.35 -1.84
CA GLY A 50 -6.36 10.54 -2.61
C GLY A 50 -4.89 10.66 -2.92
N ALA A 51 -4.26 9.54 -3.28
CA ALA A 51 -2.84 9.55 -3.61
C ALA A 51 -2.57 10.35 -4.87
N LYS A 52 -1.33 10.79 -5.03
CA LYS A 52 -0.94 11.56 -6.19
C LYS A 52 0.29 10.95 -6.86
N ARG A 53 0.53 11.33 -8.10
CA ARG A 53 1.68 10.83 -8.85
C ARG A 53 2.97 11.06 -8.08
N GLY A 54 3.48 10.01 -7.46
CA GLY A 54 4.70 10.12 -6.69
C GLY A 54 4.50 9.83 -5.21
N ASP A 55 3.37 9.22 -4.88
CA ASP A 55 3.06 8.89 -3.49
C ASP A 55 2.96 7.38 -3.31
N ILE A 56 3.68 6.86 -2.33
CA ILE A 56 3.66 5.42 -2.05
C ILE A 56 2.67 5.10 -0.93
N VAL A 57 2.01 3.96 -1.05
CA VAL A 57 1.02 3.54 -0.09
C VAL A 57 1.54 2.43 0.81
N LYS A 58 1.18 2.48 2.08
CA LYS A 58 1.58 1.47 3.04
C LYS A 58 0.39 0.59 3.42
N ILE A 59 0.48 -0.68 3.06
CA ILE A 59 -0.57 -1.64 3.37
C ILE A 59 -0.05 -2.73 4.30
N ILE A 60 -0.80 -3.03 5.34
CA ILE A 60 -0.39 -4.04 6.30
C ILE A 60 -1.39 -5.20 6.35
N ARG A 61 -0.86 -6.41 6.42
CA ARG A 61 -1.70 -7.60 6.51
C ARG A 61 -1.46 -8.33 7.82
N LYS A 62 -2.51 -8.92 8.37
CA LYS A 62 -2.40 -9.61 9.64
C LYS A 62 -2.69 -11.10 9.48
N SER A 63 -1.88 -11.93 10.13
CA SER A 63 -2.02 -13.38 10.07
C SER A 63 -1.84 -14.01 11.45
N PRO A 64 -2.05 -15.34 11.55
CA PRO A 64 -1.93 -16.06 12.82
C PRO A 64 -0.51 -15.97 13.40
N THR A 65 -0.44 -15.77 14.72
CA THR A 65 0.85 -15.68 15.42
C THR A 65 1.49 -14.31 15.21
N ALA A 66 0.70 -13.26 15.38
CA ALA A 66 1.18 -11.89 15.24
C ALA A 66 2.04 -11.73 13.98
N GLU A 67 1.78 -12.57 12.99
CA GLU A 67 2.52 -12.50 11.72
C GLU A 67 1.87 -11.52 10.77
N GLU A 68 2.49 -10.35 10.62
CA GLU A 68 1.95 -9.32 9.74
C GLU A 68 2.74 -9.24 8.43
N PHE A 69 2.05 -8.85 7.36
CA PHE A 69 2.68 -8.72 6.05
C PHE A 69 2.40 -7.34 5.46
N VAL A 70 3.45 -6.57 5.24
CA VAL A 70 3.31 -5.23 4.68
C VAL A 70 3.82 -5.15 3.24
N THR A 71 3.08 -4.44 2.40
CA THR A 71 3.45 -4.26 1.01
C THR A 71 3.17 -2.81 0.58
N TYR A 72 4.15 -2.19 -0.07
CA TYR A 72 3.99 -0.80 -0.50
C TYR A 72 3.64 -0.68 -1.97
N ARG A 73 2.92 0.39 -2.31
CA ARG A 73 2.55 0.66 -3.70
C ARG A 73 2.87 2.10 -4.05
N LEU A 74 3.58 2.31 -5.15
CA LEU A 74 3.96 3.66 -5.56
C LEU A 74 3.05 4.19 -6.66
N VAL A 75 2.42 5.33 -6.42
CA VAL A 75 1.54 5.95 -7.40
C VAL A 75 2.37 6.57 -8.52
N GLN A 76 2.19 6.06 -9.72
CA GLN A 76 2.93 6.55 -10.88
C GLN A 76 1.98 6.91 -12.02
N ASP A 77 2.42 7.80 -12.90
CA ASP A 77 1.59 8.21 -14.03
C ASP A 77 1.73 7.24 -15.20
N MET A 1 -23.93 -3.39 1.74
CA MET A 1 -24.88 -3.53 0.60
C MET A 1 -24.24 -3.11 -0.72
N LYS A 2 -23.12 -3.76 -1.05
CA LYS A 2 -22.41 -3.46 -2.29
C LYS A 2 -21.98 -4.74 -2.99
N ARG A 3 -21.07 -5.48 -2.37
CA ARG A 3 -20.59 -6.73 -2.92
C ARG A 3 -21.05 -7.92 -2.08
N GLU A 4 -21.22 -7.69 -0.79
CA GLU A 4 -21.67 -8.73 0.13
C GLU A 4 -20.61 -9.83 0.26
N ILE A 5 -21.04 -10.97 0.78
CA ILE A 5 -20.17 -12.11 0.96
C ILE A 5 -19.93 -12.82 -0.37
N LEU A 6 -18.76 -12.64 -0.94
CA LEU A 6 -18.41 -13.27 -2.22
C LEU A 6 -17.04 -13.95 -2.13
N LYS A 7 -16.06 -13.21 -1.61
CA LYS A 7 -14.70 -13.73 -1.47
C LYS A 7 -13.81 -12.71 -0.77
N HIS A 8 -14.29 -12.19 0.36
CA HIS A 8 -13.54 -11.21 1.13
C HIS A 8 -13.17 -11.77 2.50
N GLN A 9 -12.18 -11.14 3.14
CA GLN A 9 -11.74 -11.58 4.46
C GLN A 9 -10.88 -10.50 5.12
N LEU A 10 -11.53 -9.60 5.84
CA LEU A 10 -10.83 -8.52 6.52
C LEU A 10 -10.05 -7.66 5.54
N VAL A 11 -9.85 -6.39 5.88
CA VAL A 11 -9.12 -5.47 5.03
C VAL A 11 -7.96 -4.82 5.78
N PRO A 12 -6.86 -4.54 5.07
CA PRO A 12 -5.67 -3.93 5.67
C PRO A 12 -5.79 -2.42 5.77
N GLU A 13 -4.82 -1.80 6.43
CA GLU A 13 -4.81 -0.34 6.60
C GLU A 13 -3.94 0.32 5.55
N HIS A 14 -4.52 1.25 4.80
CA HIS A 14 -3.79 1.97 3.76
C HIS A 14 -3.31 3.32 4.26
N VAL A 15 -2.00 3.52 4.28
CA VAL A 15 -1.41 4.77 4.73
C VAL A 15 -0.62 5.42 3.60
N ILE A 16 -0.68 6.74 3.52
CA ILE A 16 0.06 7.45 2.48
C ILE A 16 1.43 7.88 2.99
N LEU A 17 2.47 7.36 2.34
CA LEU A 17 3.84 7.65 2.72
C LEU A 17 4.48 8.63 1.76
N ASN A 18 5.41 9.42 2.29
CA ASN A 18 6.18 10.33 1.46
C ASN A 18 7.25 9.53 0.73
N GLU A 19 7.53 9.90 -0.52
CA GLU A 19 8.53 9.17 -1.31
C GLU A 19 9.79 8.90 -0.50
N SER A 20 10.17 9.86 0.35
CA SER A 20 11.34 9.70 1.20
C SER A 20 11.07 8.66 2.30
N GLU A 21 9.97 8.86 3.02
CA GLU A 21 9.59 7.93 4.08
C GLU A 21 9.39 6.53 3.52
N ALA A 22 8.60 6.44 2.47
CA ALA A 22 8.33 5.16 1.83
C ALA A 22 9.59 4.59 1.20
N LYS A 23 10.50 5.49 0.82
CA LYS A 23 11.75 5.09 0.19
C LYS A 23 12.55 4.17 1.12
N ARG A 24 12.79 4.61 2.36
CA ARG A 24 13.54 3.79 3.30
C ARG A 24 12.77 2.54 3.63
N VAL A 25 11.47 2.67 3.85
CA VAL A 25 10.64 1.53 4.20
C VAL A 25 10.78 0.43 3.16
N LEU A 26 10.51 0.78 1.91
CA LEU A 26 10.61 -0.18 0.82
C LEU A 26 11.95 -0.90 0.85
N LYS A 27 13.03 -0.14 0.92
CA LYS A 27 14.37 -0.71 0.98
C LYS A 27 14.57 -1.42 2.31
N GLU A 28 13.98 -0.87 3.36
CA GLU A 28 14.03 -1.44 4.69
C GLU A 28 13.36 -2.80 4.72
N LEU A 29 12.26 -2.88 3.99
CA LEU A 29 11.50 -4.12 3.86
C LEU A 29 12.24 -5.17 3.04
N ASP A 30 13.37 -4.77 2.44
CA ASP A 30 14.17 -5.65 1.59
C ASP A 30 13.62 -5.68 0.18
N ALA A 31 13.30 -4.50 -0.35
CA ALA A 31 12.77 -4.37 -1.69
C ALA A 31 12.79 -2.93 -2.16
N HIS A 32 12.58 -2.73 -3.46
CA HIS A 32 12.55 -1.39 -4.04
C HIS A 32 11.22 -1.14 -4.73
N PRO A 33 10.78 0.12 -4.80
CA PRO A 33 9.52 0.47 -5.43
C PRO A 33 9.42 -0.09 -6.84
N GLU A 34 10.57 -0.34 -7.45
CA GLU A 34 10.62 -0.95 -8.77
C GLU A 34 10.31 -2.44 -8.66
N GLN A 35 10.67 -3.03 -7.52
CA GLN A 35 10.42 -4.43 -7.26
C GLN A 35 8.96 -4.64 -6.88
N LEU A 36 8.39 -3.63 -6.24
CA LEU A 36 6.99 -3.68 -5.82
C LEU A 36 6.06 -3.31 -6.98
N PRO A 37 4.74 -3.46 -6.79
CA PRO A 37 3.76 -3.13 -7.82
C PRO A 37 3.51 -1.63 -7.90
N LYS A 38 3.41 -1.12 -9.12
CA LYS A 38 3.15 0.30 -9.34
C LYS A 38 1.87 0.51 -10.13
N ILE A 39 0.97 1.32 -9.59
CA ILE A 39 -0.30 1.58 -10.23
C ILE A 39 -0.39 3.04 -10.67
N LYS A 40 -0.83 3.24 -11.91
CA LYS A 40 -0.93 4.58 -12.47
C LYS A 40 -1.95 5.45 -11.74
N THR A 41 -1.76 6.76 -11.82
CA THR A 41 -2.69 7.69 -11.19
C THR A 41 -4.07 7.59 -11.83
N THR A 42 -4.12 7.13 -13.07
CA THR A 42 -5.39 6.92 -13.75
C THR A 42 -6.11 5.73 -13.13
N ASP A 43 -5.31 4.77 -12.65
CA ASP A 43 -5.85 3.59 -11.98
C ASP A 43 -6.41 3.96 -10.61
N PRO A 44 -7.36 3.16 -10.10
CA PRO A 44 -8.00 3.40 -8.80
C PRO A 44 -7.01 3.68 -7.69
N VAL A 45 -5.75 3.30 -7.89
CA VAL A 45 -4.72 3.51 -6.89
C VAL A 45 -4.72 4.98 -6.42
N ALA A 46 -4.80 5.89 -7.38
CA ALA A 46 -4.81 7.31 -7.07
C ALA A 46 -6.15 7.69 -6.42
N LYS A 47 -7.24 7.29 -7.05
CA LYS A 47 -8.58 7.56 -6.52
C LYS A 47 -8.64 7.10 -5.07
N ALA A 48 -7.91 6.03 -4.77
CA ALA A 48 -7.84 5.51 -3.41
C ALA A 48 -6.93 6.39 -2.57
N ILE A 49 -7.30 6.57 -1.31
CA ILE A 49 -6.55 7.43 -0.39
C ILE A 49 -6.12 8.73 -1.06
N GLY A 50 -6.89 9.18 -2.05
CA GLY A 50 -6.58 10.42 -2.75
C GLY A 50 -5.10 10.59 -3.05
N ALA A 51 -4.41 9.49 -3.33
CA ALA A 51 -2.97 9.54 -3.62
C ALA A 51 -2.69 10.42 -4.82
N LYS A 52 -1.45 10.87 -4.92
CA LYS A 52 -1.03 11.70 -6.03
C LYS A 52 0.22 11.13 -6.70
N ARG A 53 0.50 11.59 -7.91
CA ARG A 53 1.65 11.13 -8.66
C ARG A 53 2.93 11.28 -7.84
N GLY A 54 3.38 10.20 -7.23
CA GLY A 54 4.59 10.23 -6.42
C GLY A 54 4.33 9.92 -4.97
N ASP A 55 3.23 9.24 -4.69
CA ASP A 55 2.86 8.88 -3.32
C ASP A 55 2.81 7.37 -3.15
N ILE A 56 3.54 6.87 -2.16
CA ILE A 56 3.54 5.45 -1.87
C ILE A 56 2.56 5.14 -0.73
N VAL A 57 1.83 4.04 -0.88
CA VAL A 57 0.84 3.66 0.12
C VAL A 57 1.31 2.46 0.94
N LYS A 58 1.01 2.49 2.24
CA LYS A 58 1.41 1.44 3.16
C LYS A 58 0.23 0.54 3.54
N ILE A 59 0.32 -0.72 3.15
CA ILE A 59 -0.71 -1.70 3.47
C ILE A 59 -0.12 -2.81 4.34
N ILE A 60 -0.85 -3.21 5.37
CA ILE A 60 -0.35 -4.24 6.28
C ILE A 60 -1.30 -5.43 6.35
N ARG A 61 -0.73 -6.62 6.20
CA ARG A 61 -1.49 -7.85 6.29
C ARG A 61 -1.16 -8.57 7.58
N LYS A 62 -2.16 -8.94 8.35
CA LYS A 62 -1.92 -9.57 9.64
C LYS A 62 -2.47 -10.99 9.70
N SER A 63 -1.56 -11.95 9.83
CA SER A 63 -1.92 -13.36 9.93
C SER A 63 -1.82 -13.83 11.37
N PRO A 64 -2.07 -15.13 11.62
CA PRO A 64 -2.01 -15.69 12.97
C PRO A 64 -0.63 -15.51 13.60
N THR A 65 -0.61 -15.13 14.88
CA THR A 65 0.64 -14.88 15.60
C THR A 65 1.22 -13.53 15.20
N ALA A 66 2.51 -13.33 15.47
CA ALA A 66 3.17 -12.08 15.14
C ALA A 66 3.74 -12.10 13.71
N GLU A 67 2.92 -12.56 12.76
CA GLU A 67 3.34 -12.62 11.37
C GLU A 67 2.45 -11.73 10.49
N GLU A 68 2.99 -10.58 10.11
CA GLU A 68 2.25 -9.65 9.25
C GLU A 68 3.02 -9.37 7.96
N PHE A 69 2.27 -9.08 6.91
CA PHE A 69 2.89 -8.80 5.62
C PHE A 69 2.51 -7.40 5.12
N VAL A 70 3.52 -6.56 4.95
CA VAL A 70 3.30 -5.20 4.47
C VAL A 70 3.70 -5.07 3.01
N THR A 71 2.88 -4.36 2.23
CA THR A 71 3.16 -4.16 0.81
C THR A 71 2.97 -2.69 0.43
N TYR A 72 3.99 -2.09 -0.18
CA TYR A 72 3.94 -0.69 -0.58
C TYR A 72 3.65 -0.55 -2.07
N ARG A 73 2.90 0.49 -2.42
CA ARG A 73 2.57 0.77 -3.80
C ARG A 73 2.75 2.26 -4.09
N LEU A 74 3.48 2.56 -5.16
CA LEU A 74 3.77 3.95 -5.51
C LEU A 74 2.86 4.43 -6.63
N VAL A 75 2.35 5.65 -6.49
CA VAL A 75 1.50 6.24 -7.52
C VAL A 75 2.37 6.94 -8.56
N GLN A 76 2.29 6.44 -9.79
CA GLN A 76 3.09 6.98 -10.89
C GLN A 76 2.21 7.42 -12.04
N ASP A 77 2.70 8.36 -12.85
CA ASP A 77 1.94 8.85 -13.99
C ASP A 77 2.19 7.98 -15.21
#